data_6RST
#
_entry.id   6RST
#
_cell.length_a   136.354
_cell.length_b   136.354
_cell.length_c   87.195
_cell.angle_alpha   90.000
_cell.angle_beta   90.000
_cell.angle_gamma   120.000
#
_symmetry.space_group_name_H-M   'P 32 2 1'
#
loop_
_entity.id
_entity.type
_entity.pdbx_description
1 polymer 'Serine/threonine-protein kinase TBK1'
2 non-polymer 1-[4-[(1~{R})-1-[2-[[5-[1-(cyclopropylmethyl)pyrazol-4-yl]-1~{H}-benzimidazol-2-yl]amino]pyridin-4-yl]ethyl]piperazin-1-yl]-3,3,3-tris(fluoranyl)propan-1-one
#
_entity_poly.entity_id   1
_entity_poly.type   'polypeptide(L)'
_entity_poly.pdbx_seq_one_letter_code
;GSGSAMGQSTSNHLWLLSDILGQGATANVFRGRHKKTGDLFAIKVFNNISFLRPVDVQMREFEVLKKLNHKNIVKLFAIE
EETTTRHKVLIMEFCPCGSLYTVLEEPSNAYGLPESEFLIVLRDVVGGMNHLRENGIVHRDIKPGNIMRVIGEDGQSVYK
LTDFGAARELEDDEQFVSLYGTEEYLHPDMYERAVLRKDHQKKYGATVDLWSIGVTFYHAATGSLPFRPFEGPRRNKEVM
YKIITGKPSGAISGVQKAENGPIDWSGDMPVSCSLSRGLQVLLTPVLANILEADQEKCWGFDQFFAETSDILHRMVIHVF
SLQQMTAHKIYIHSYNTATIFHELVYKQTKIISSNQELIYEGRRLVLEPGRLAQHFPKTTEENPIFVVSREPLNTIGLIY
EKISLPKVHPRYDLDGDASMAKAITGVVCYACRIASTLLLYQELMRKGIRWLIELIKDDYNETVHKKTEVVITLDFCIRN
IEKTVKVYEKLMKINLEAAELGEISDIHTKLLRLSSSQGTIETSLQDIDSRLSPGGSLADAWAHQEGTHPKDRNVEKLQV
LLNCMTEIYYQFKKDKAERRLAYNEEQIHKFDKQKLYYHATKAMTHFTDECVKKYEAFLNKSEEWIRKMLHLRKQLLSLT
NQCFDIEEEVSKYQEYTNELQET
;
_entity_poly.pdbx_strand_id   A
#
loop_
_chem_comp.id
_chem_comp.type
_chem_comp.name
_chem_comp.formula
KHQ non-polymer 1-[4-[(1~{R})-1-[2-[[5-[1-(cyclopropylmethyl)pyrazol-4-yl]-1~{H}-benzimidazol-2-yl]amino]pyridin-4-yl]ethyl]piperazin-1-yl]-3,3,3-tris(fluoranyl)propan-1-one 'C28 H31 F3 N8 O'
#
# COMPACT_ATOMS: atom_id res chain seq x y z
N SER A 4 22.47 -34.19 -17.42
CA SER A 4 23.92 -33.87 -17.51
C SER A 4 24.65 -34.54 -18.65
N ALA A 5 23.97 -35.49 -19.32
CA ALA A 5 24.58 -36.29 -20.38
C ALA A 5 24.28 -35.78 -21.78
N MET A 6 23.05 -35.34 -22.04
CA MET A 6 22.63 -35.00 -23.39
C MET A 6 22.08 -33.58 -23.47
N GLY A 7 22.38 -32.92 -24.60
CA GLY A 7 21.90 -31.59 -24.95
C GLY A 7 22.59 -31.16 -26.23
N GLN A 8 21.95 -30.29 -27.02
CA GLN A 8 22.40 -29.97 -28.36
C GLN A 8 23.30 -28.72 -28.36
N SER A 9 23.69 -28.27 -29.56
CA SER A 9 24.43 -27.02 -29.70
C SER A 9 24.36 -26.49 -31.13
N THR A 10 24.69 -25.21 -31.28
CA THR A 10 24.77 -24.47 -32.54
C THR A 10 26.20 -23.93 -32.70
N SER A 11 26.46 -23.26 -33.82
CA SER A 11 27.76 -22.66 -34.11
C SER A 11 28.37 -21.91 -32.92
N ASN A 12 27.58 -21.11 -32.21
CA ASN A 12 28.11 -20.25 -31.16
C ASN A 12 27.61 -20.55 -29.76
N HIS A 13 26.49 -21.25 -29.62
CA HIS A 13 25.86 -21.48 -28.33
C HIS A 13 25.66 -22.97 -28.11
N LEU A 14 25.34 -23.34 -26.88
CA LEU A 14 25.17 -24.74 -26.50
C LEU A 14 24.28 -24.79 -25.27
N TRP A 15 23.62 -25.92 -25.07
CA TRP A 15 22.73 -26.05 -23.92
C TRP A 15 22.45 -27.52 -23.64
N LEU A 16 22.31 -27.83 -22.35
CA LEU A 16 21.90 -29.13 -21.87
C LEU A 16 20.38 -29.25 -21.95
N LEU A 17 19.90 -30.50 -22.04
CA LEU A 17 18.46 -30.74 -22.22
C LEU A 17 17.70 -30.80 -20.90
N SER A 18 18.34 -31.24 -19.82
CA SER A 18 17.76 -31.11 -18.48
C SER A 18 17.57 -29.67 -18.10
N ASP A 19 18.36 -28.76 -18.68
CA ASP A 19 18.33 -27.33 -18.37
C ASP A 19 17.18 -26.65 -19.12
N ILE A 20 15.96 -27.03 -18.77
CA ILE A 20 14.78 -26.60 -19.50
C ILE A 20 14.04 -25.57 -18.66
N LEU A 21 13.87 -24.37 -19.21
CA LEU A 21 13.15 -23.31 -18.51
C LEU A 21 11.69 -23.24 -18.91
N GLY A 22 11.37 -23.29 -20.21
CA GLY A 22 10.03 -23.05 -20.70
C GLY A 22 9.46 -24.20 -21.54
N GLN A 23 8.14 -24.12 -21.76
CA GLN A 23 7.36 -25.14 -22.46
C GLN A 23 6.25 -24.51 -23.30
N GLY A 24 6.08 -24.96 -24.55
CA GLY A 24 5.01 -24.42 -25.40
C GLY A 24 4.90 -24.96 -26.81
N ALA A 25 3.70 -25.30 -27.34
CA ALA A 25 3.56 -26.27 -28.45
C ALA A 25 4.54 -26.04 -29.60
N THR A 26 4.77 -24.79 -29.99
CA THR A 26 5.72 -24.48 -31.04
C THR A 26 7.16 -24.83 -30.63
N ALA A 27 7.58 -24.50 -29.41
CA ALA A 27 8.98 -24.57 -29.05
C ALA A 27 9.21 -24.76 -27.56
N ASN A 28 10.43 -25.16 -27.22
CA ASN A 28 10.94 -25.29 -25.86
C ASN A 28 12.01 -24.24 -25.62
N VAL A 29 12.13 -23.76 -24.38
CA VAL A 29 13.13 -22.77 -24.01
C VAL A 29 14.09 -23.39 -23.00
N PHE A 30 15.40 -23.30 -23.28
CA PHE A 30 16.41 -23.89 -22.43
C PHE A 30 17.42 -22.86 -21.97
N ARG A 31 17.95 -23.07 -20.77
CA ARG A 31 19.08 -22.28 -20.29
C ARG A 31 20.34 -22.74 -21.03
N GLY A 32 20.96 -21.82 -21.78
CA GLY A 32 22.15 -22.13 -22.54
C GLY A 32 23.25 -21.12 -22.30
N ARG A 33 24.38 -21.35 -22.98
CA ARG A 33 25.57 -20.52 -22.81
C ARG A 33 26.29 -20.36 -24.13
N HIS A 34 26.73 -19.14 -24.43
CA HIS A 34 27.56 -18.88 -25.59
C HIS A 34 28.91 -19.55 -25.41
N LYS A 35 29.37 -20.27 -26.44
CA LYS A 35 30.53 -21.13 -26.28
C LYS A 35 31.79 -20.33 -25.97
N LYS A 36 32.10 -19.31 -26.79
CA LYS A 36 33.36 -18.61 -26.65
C LYS A 36 33.42 -17.69 -25.43
N THR A 37 32.28 -17.39 -24.79
CA THR A 37 32.25 -16.46 -23.66
C THR A 37 31.73 -17.04 -22.36
N GLY A 38 30.93 -18.11 -22.41
CA GLY A 38 30.32 -18.64 -21.21
C GLY A 38 29.17 -17.82 -20.66
N ASP A 39 28.58 -16.94 -21.47
CA ASP A 39 27.53 -16.04 -21.01
C ASP A 39 26.15 -16.64 -21.28
N LEU A 40 25.25 -16.47 -20.31
CA LEU A 40 23.98 -17.17 -20.31
C LEU A 40 22.95 -16.47 -21.19
N PHE A 41 22.21 -17.27 -21.97
CA PHE A 41 21.09 -16.78 -22.75
C PHE A 41 19.94 -17.78 -22.63
N ALA A 42 18.73 -17.31 -22.94
CA ALA A 42 17.59 -18.20 -23.11
C ALA A 42 17.56 -18.68 -24.56
N ILE A 43 17.38 -19.98 -24.73
CA ILE A 43 17.54 -20.65 -26.03
C ILE A 43 16.20 -21.32 -26.35
N LYS A 44 15.54 -20.82 -27.41
CA LYS A 44 14.23 -21.32 -27.83
C LYS A 44 14.41 -22.27 -29.01
N VAL A 45 14.21 -23.58 -28.77
CA VAL A 45 14.32 -24.62 -29.79
C VAL A 45 12.92 -25.00 -30.25
N PHE A 46 12.74 -25.19 -31.57
CA PHE A 46 11.44 -25.45 -32.17
C PHE A 46 11.28 -26.94 -32.53
N ASN A 47 10.72 -27.72 -31.60
CA ASN A 47 10.38 -29.09 -31.95
C ASN A 47 9.08 -29.13 -32.75
N ASN A 48 8.90 -30.21 -33.52
CA ASN A 48 7.63 -30.47 -34.18
C ASN A 48 7.33 -29.44 -35.26
N ILE A 49 8.39 -28.84 -35.79
CA ILE A 49 8.29 -27.68 -36.67
C ILE A 49 8.23 -28.06 -38.14
N SER A 50 8.36 -29.31 -38.45
CA SER A 50 8.69 -29.72 -39.80
C SER A 50 7.55 -29.58 -40.79
N PHE A 51 6.29 -29.51 -40.34
CA PHE A 51 5.20 -29.43 -41.32
C PHE A 51 5.13 -28.06 -41.97
N LEU A 52 5.41 -26.97 -41.24
CA LEU A 52 5.13 -25.63 -41.75
C LEU A 52 6.24 -24.61 -41.50
N ARG A 53 7.44 -24.83 -42.06
CA ARG A 53 8.51 -23.84 -41.93
C ARG A 53 8.79 -23.13 -43.27
N PRO A 54 8.25 -21.84 -43.50
CA PRO A 54 8.55 -21.11 -44.75
C PRO A 54 9.80 -20.23 -44.67
N VAL A 55 10.86 -20.55 -45.43
CA VAL A 55 12.17 -19.96 -45.16
C VAL A 55 12.12 -18.44 -45.24
N ASP A 56 11.54 -17.89 -46.32
CA ASP A 56 11.63 -16.45 -46.55
C ASP A 56 10.86 -15.67 -45.49
N VAL A 57 9.63 -16.08 -45.21
CA VAL A 57 8.74 -15.32 -44.34
C VAL A 57 9.24 -15.37 -42.91
N GLN A 58 9.38 -16.58 -42.35
CA GLN A 58 9.74 -16.72 -40.95
C GLN A 58 11.03 -15.97 -40.63
N MET A 59 12.07 -16.15 -41.46
CA MET A 59 13.33 -15.45 -41.25
C MET A 59 13.14 -13.94 -41.31
N ARG A 60 12.27 -13.47 -42.19
CA ARG A 60 12.11 -12.05 -42.43
C ARG A 60 11.58 -11.33 -41.20
N GLU A 61 10.52 -11.87 -40.59
CA GLU A 61 9.88 -11.19 -39.47
C GLU A 61 10.77 -11.16 -38.24
N PHE A 62 11.65 -12.15 -38.08
CA PHE A 62 12.59 -12.12 -36.96
C PHE A 62 13.50 -10.88 -37.03
N GLU A 63 13.83 -10.43 -38.24
CA GLU A 63 14.69 -9.26 -38.39
C GLU A 63 14.00 -7.99 -37.90
N VAL A 64 12.67 -8.01 -37.82
CA VAL A 64 11.94 -6.93 -37.15
C VAL A 64 12.30 -6.91 -35.67
N LEU A 65 12.18 -8.06 -35.00
CA LEU A 65 12.44 -8.16 -33.57
C LEU A 65 13.92 -8.15 -33.23
N LYS A 66 14.79 -8.48 -34.19
CA LYS A 66 16.23 -8.47 -33.94
C LYS A 66 16.65 -7.17 -33.29
N LYS A 67 16.36 -6.04 -33.96
CA LYS A 67 16.74 -4.73 -33.47
C LYS A 67 15.52 -4.02 -32.91
N LEU A 68 15.04 -4.53 -31.77
CA LEU A 68 13.93 -3.94 -31.03
C LEU A 68 14.39 -3.75 -29.59
N ASN A 69 15.04 -2.63 -29.32
CA ASN A 69 15.68 -2.38 -28.03
C ASN A 69 14.76 -1.54 -27.14
N HIS A 70 14.57 -1.99 -25.91
CA HIS A 70 13.80 -1.28 -24.91
C HIS A 70 14.00 -1.93 -23.56
N LYS A 71 13.83 -1.12 -22.51
CA LYS A 71 14.03 -1.61 -21.15
C LYS A 71 13.08 -2.75 -20.81
N ASN A 72 11.81 -2.65 -21.19
CA ASN A 72 10.83 -3.68 -20.85
C ASN A 72 10.51 -4.60 -22.03
N ILE A 73 11.48 -4.98 -22.84
CA ILE A 73 11.26 -5.97 -23.88
C ILE A 73 12.43 -6.95 -23.86
N VAL A 74 12.13 -8.24 -23.77
CA VAL A 74 13.15 -9.27 -23.68
C VAL A 74 13.85 -9.34 -25.04
N LYS A 75 15.09 -8.87 -25.09
CA LYS A 75 15.79 -8.73 -26.35
C LYS A 75 16.09 -10.10 -26.96
N LEU A 76 15.95 -10.19 -28.29
CA LEU A 76 16.31 -11.37 -29.06
C LEU A 76 17.59 -11.07 -29.81
N PHE A 77 18.70 -11.69 -29.38
CA PHE A 77 20.00 -11.27 -29.87
C PHE A 77 20.30 -11.83 -31.26
N ALA A 78 20.17 -13.14 -31.45
CA ALA A 78 20.52 -13.71 -32.74
C ALA A 78 19.62 -14.90 -33.05
N ILE A 79 19.50 -15.19 -34.34
CA ILE A 79 18.76 -16.32 -34.86
C ILE A 79 19.79 -17.22 -35.55
N GLU A 80 20.08 -18.37 -34.96
CA GLU A 80 21.07 -19.31 -35.48
C GLU A 80 20.37 -20.61 -35.88
N GLU A 81 21.14 -21.56 -36.42
CA GLU A 81 20.62 -22.88 -36.77
C GLU A 81 21.36 -23.96 -35.98
N GLU A 82 20.63 -25.00 -35.59
CA GLU A 82 21.19 -26.08 -34.77
C GLU A 82 22.03 -27.01 -35.63
N THR A 83 23.12 -27.53 -35.05
CA THR A 83 24.15 -28.24 -35.81
C THR A 83 23.61 -29.47 -36.54
N THR A 84 23.00 -30.40 -35.79
CA THR A 84 22.63 -31.72 -36.29
C THR A 84 21.20 -31.76 -36.84
N THR A 85 20.21 -31.28 -36.06
CA THR A 85 18.81 -31.36 -36.46
C THR A 85 18.37 -30.25 -37.41
N ARG A 86 19.25 -29.28 -37.70
CA ARG A 86 18.93 -28.18 -38.62
C ARG A 86 17.63 -27.48 -38.23
N HIS A 87 17.48 -27.21 -36.93
CA HIS A 87 16.37 -26.48 -36.36
C HIS A 87 16.83 -25.04 -36.08
N LYS A 88 16.08 -24.04 -36.57
CA LYS A 88 16.46 -22.66 -36.29
C LYS A 88 16.24 -22.37 -34.80
N VAL A 89 17.27 -21.85 -34.13
CA VAL A 89 17.23 -21.59 -32.70
C VAL A 89 17.36 -20.10 -32.45
N LEU A 90 16.59 -19.60 -31.48
CA LEU A 90 16.59 -18.19 -31.10
C LEU A 90 17.45 -18.00 -29.85
N ILE A 91 18.25 -16.95 -29.85
CA ILE A 91 19.11 -16.61 -28.72
C ILE A 91 18.55 -15.33 -28.10
N MET A 92 17.93 -15.47 -26.94
CA MET A 92 17.29 -14.35 -26.28
C MET A 92 17.87 -14.14 -24.89
N GLU A 93 17.55 -12.98 -24.33
CA GLU A 93 18.01 -12.61 -22.99
C GLU A 93 17.53 -13.63 -21.96
N PHE A 94 18.46 -14.11 -21.14
CA PHE A 94 18.11 -14.96 -20.00
C PHE A 94 17.71 -14.06 -18.83
N CYS A 95 16.42 -14.08 -18.48
CA CYS A 95 15.91 -13.34 -17.33
C CYS A 95 15.95 -14.22 -16.10
N PRO A 96 17.01 -14.16 -15.29
CA PRO A 96 17.20 -15.19 -14.25
C PRO A 96 16.14 -15.25 -13.16
N CYS A 97 15.21 -14.31 -13.10
CA CYS A 97 14.25 -14.32 -11.99
C CYS A 97 12.96 -15.07 -12.31
N GLY A 98 12.78 -15.51 -13.55
CA GLY A 98 11.55 -16.18 -13.91
C GLY A 98 10.55 -15.23 -14.52
N SER A 99 9.29 -15.38 -14.15
CA SER A 99 8.21 -14.58 -14.70
C SER A 99 7.33 -14.04 -13.59
N LEU A 100 6.39 -13.18 -13.97
CA LEU A 100 5.43 -12.66 -13.01
C LEU A 100 4.68 -13.80 -12.32
N TYR A 101 4.24 -14.79 -13.10
CA TYR A 101 3.59 -15.95 -12.51
C TYR A 101 4.45 -16.55 -11.40
N THR A 102 5.73 -16.77 -11.69
CA THR A 102 6.65 -17.27 -10.68
C THR A 102 6.55 -16.45 -9.40
N VAL A 103 6.41 -15.14 -9.56
CA VAL A 103 6.34 -14.22 -8.42
C VAL A 103 5.07 -14.49 -7.62
N LEU A 104 3.91 -14.43 -8.28
CA LEU A 104 2.63 -14.62 -7.61
C LEU A 104 2.47 -16.01 -7.03
N GLU A 105 3.34 -16.96 -7.37
CA GLU A 105 3.28 -18.29 -6.77
C GLU A 105 3.87 -18.30 -5.37
N GLU A 106 4.71 -17.34 -5.03
CA GLU A 106 5.27 -17.26 -3.68
C GLU A 106 4.14 -17.00 -2.68
N PRO A 107 4.08 -17.75 -1.57
CA PRO A 107 2.96 -17.55 -0.64
C PRO A 107 2.81 -16.11 -0.16
N SER A 108 3.93 -15.38 -0.05
CA SER A 108 3.87 -13.99 0.36
C SER A 108 2.93 -13.18 -0.50
N ASN A 109 2.80 -13.52 -1.78
CA ASN A 109 1.97 -12.80 -2.71
C ASN A 109 0.60 -13.46 -2.91
N ALA A 110 0.17 -14.29 -1.97
CA ALA A 110 -1.12 -14.96 -2.12
C ALA A 110 -2.27 -13.97 -2.10
N TYR A 111 -2.12 -12.87 -1.37
CA TYR A 111 -3.12 -11.82 -1.27
C TYR A 111 -2.60 -10.53 -1.88
N GLY A 112 -1.95 -10.64 -3.04
CA GLY A 112 -1.51 -9.50 -3.79
C GLY A 112 -0.03 -9.21 -3.60
N LEU A 113 0.51 -8.45 -4.56
CA LEU A 113 1.89 -8.00 -4.51
C LEU A 113 2.05 -6.85 -3.52
N PRO A 114 3.29 -6.60 -3.08
CA PRO A 114 3.54 -5.36 -2.31
C PRO A 114 3.32 -4.14 -3.18
N GLU A 115 2.86 -3.06 -2.54
CA GLU A 115 2.53 -1.84 -3.26
C GLU A 115 3.68 -1.36 -4.14
N SER A 116 4.88 -1.25 -3.57
CA SER A 116 6.06 -0.88 -4.34
C SER A 116 6.23 -1.79 -5.55
N GLU A 117 6.17 -3.10 -5.33
CA GLU A 117 6.38 -4.05 -6.42
C GLU A 117 5.27 -3.97 -7.45
N PHE A 118 4.03 -3.71 -7.02
CA PHE A 118 2.93 -3.67 -7.98
C PHE A 118 3.12 -2.52 -8.97
N LEU A 119 3.64 -1.39 -8.51
CA LEU A 119 3.81 -0.27 -9.41
C LEU A 119 4.92 -0.53 -10.41
N ILE A 120 5.96 -1.28 -10.02
CA ILE A 120 6.96 -1.71 -10.98
C ILE A 120 6.31 -2.49 -12.11
N VAL A 121 5.37 -3.37 -11.77
CA VAL A 121 4.66 -4.14 -12.78
C VAL A 121 3.89 -3.21 -13.71
N LEU A 122 3.05 -2.36 -13.14
CA LEU A 122 2.26 -1.41 -13.93
C LEU A 122 3.15 -0.59 -14.85
N ARG A 123 4.18 0.03 -14.28
CA ARG A 123 5.07 0.89 -15.06
C ARG A 123 5.64 0.15 -16.26
N ASP A 124 6.23 -1.03 -16.00
CA ASP A 124 6.98 -1.75 -17.02
C ASP A 124 6.06 -2.45 -18.02
N VAL A 125 4.92 -2.97 -17.56
CA VAL A 125 3.97 -3.61 -18.47
C VAL A 125 3.38 -2.57 -19.43
N VAL A 126 2.95 -1.43 -18.89
CA VAL A 126 2.38 -0.38 -19.72
C VAL A 126 3.45 0.24 -20.59
N GLY A 127 4.66 0.40 -20.06
CA GLY A 127 5.73 1.05 -20.80
C GLY A 127 6.23 0.20 -21.96
N GLY A 128 6.48 -1.08 -21.71
CA GLY A 128 6.90 -1.97 -22.78
C GLY A 128 5.87 -2.08 -23.88
N MET A 129 4.60 -2.29 -23.49
CA MET A 129 3.53 -2.48 -24.47
C MET A 129 3.35 -1.25 -25.34
N ASN A 130 3.28 -0.06 -24.73
CA ASN A 130 3.19 1.17 -25.51
C ASN A 130 4.30 1.23 -26.55
N HIS A 131 5.51 0.79 -26.19
CA HIS A 131 6.63 0.78 -27.12
C HIS A 131 6.40 -0.20 -28.26
N LEU A 132 5.77 -1.34 -27.98
CA LEU A 132 5.52 -2.33 -29.02
C LEU A 132 4.44 -1.87 -29.99
N ARG A 133 3.43 -1.17 -29.47
CA ARG A 133 2.39 -0.62 -30.34
C ARG A 133 2.95 0.47 -31.23
N GLU A 134 3.86 1.29 -30.71
CA GLU A 134 4.44 2.37 -31.51
C GLU A 134 5.15 1.81 -32.74
N ASN A 135 5.78 0.65 -32.63
CA ASN A 135 6.50 0.04 -33.73
C ASN A 135 5.65 -0.93 -34.55
N GLY A 136 4.36 -1.06 -34.23
CA GLY A 136 3.41 -1.82 -35.02
C GLY A 136 2.98 -3.13 -34.40
N ILE A 137 3.87 -3.78 -33.65
CA ILE A 137 3.60 -5.11 -33.14
C ILE A 137 2.47 -5.09 -32.12
N VAL A 138 1.74 -6.20 -32.03
CA VAL A 138 0.70 -6.38 -31.02
C VAL A 138 0.92 -7.70 -30.30
N HIS A 139 0.32 -7.80 -29.11
CA HIS A 139 0.48 -8.95 -28.22
C HIS A 139 -0.85 -9.65 -27.99
N ARG A 140 -1.86 -8.95 -27.50
CA ARG A 140 -3.22 -9.46 -27.29
C ARG A 140 -3.27 -10.61 -26.30
N ASP A 141 -2.21 -10.82 -25.52
CA ASP A 141 -2.05 -12.04 -24.73
C ASP A 141 -1.19 -11.78 -23.51
N ILE A 142 -1.20 -10.55 -22.99
CA ILE A 142 -0.36 -10.23 -21.84
C ILE A 142 -0.87 -11.03 -20.65
N LYS A 143 -0.06 -11.96 -20.18
CA LYS A 143 -0.33 -12.94 -19.15
C LYS A 143 0.82 -12.89 -18.16
N PRO A 144 0.58 -13.19 -16.88
CA PRO A 144 1.71 -13.21 -15.94
C PRO A 144 2.88 -14.05 -16.45
N GLY A 145 2.59 -15.19 -17.08
CA GLY A 145 3.64 -16.12 -17.45
C GLY A 145 4.53 -15.68 -18.59
N ASN A 146 4.05 -14.77 -19.44
CA ASN A 146 4.86 -14.27 -20.54
C ASN A 146 5.32 -12.82 -20.29
N ILE A 147 5.45 -12.47 -19.01
CA ILE A 147 6.08 -11.23 -18.55
C ILE A 147 7.23 -11.68 -17.66
N MET A 148 8.47 -11.40 -18.08
CA MET A 148 9.64 -11.89 -17.38
C MET A 148 10.18 -10.82 -16.42
N ARG A 149 11.17 -11.20 -15.62
CA ARG A 149 11.68 -10.30 -14.59
C ARG A 149 13.19 -10.48 -14.41
N VAL A 150 13.87 -9.35 -14.25
CA VAL A 150 15.29 -9.28 -13.96
C VAL A 150 15.48 -8.30 -12.83
N ILE A 151 16.49 -8.51 -11.99
CA ILE A 151 16.82 -7.54 -10.95
C ILE A 151 17.78 -6.53 -11.57
N GLY A 152 17.33 -5.29 -11.72
CA GLY A 152 18.12 -4.25 -12.34
C GLY A 152 19.33 -3.85 -11.52
N GLU A 153 20.10 -2.90 -12.08
CA GLU A 153 21.36 -2.52 -11.47
C GLU A 153 21.15 -1.85 -10.12
N ASP A 154 20.01 -1.19 -9.93
CA ASP A 154 19.68 -0.58 -8.66
C ASP A 154 18.94 -1.54 -7.71
N GLY A 155 18.84 -2.81 -8.07
CA GLY A 155 18.19 -3.80 -7.23
C GLY A 155 16.69 -3.90 -7.40
N GLN A 156 16.07 -2.90 -8.03
CA GLN A 156 14.64 -2.94 -8.28
C GLN A 156 14.35 -3.80 -9.51
N SER A 157 13.25 -4.53 -9.45
CA SER A 157 12.84 -5.38 -10.56
C SER A 157 12.67 -4.57 -11.83
N VAL A 158 12.75 -5.26 -12.96
CA VAL A 158 12.46 -4.70 -14.27
C VAL A 158 11.75 -5.80 -15.06
N TYR A 159 10.47 -5.61 -15.36
CA TYR A 159 9.70 -6.62 -16.06
C TYR A 159 9.80 -6.40 -17.56
N LYS A 160 9.72 -7.51 -18.31
CA LYS A 160 10.06 -7.54 -19.72
C LYS A 160 9.17 -8.56 -20.41
N LEU A 161 8.47 -8.12 -21.46
CA LEU A 161 7.48 -8.99 -22.11
C LEU A 161 8.09 -9.78 -23.26
N THR A 162 7.53 -10.96 -23.51
CA THR A 162 7.91 -11.80 -24.64
C THR A 162 6.64 -12.29 -25.34
N ASP A 163 6.78 -13.32 -26.17
CA ASP A 163 5.65 -14.05 -26.77
C ASP A 163 4.74 -13.15 -27.60
N PHE A 164 5.31 -12.17 -28.28
CA PHE A 164 4.54 -11.27 -29.13
C PHE A 164 4.71 -11.65 -30.59
N GLY A 165 3.64 -11.51 -31.37
CA GLY A 165 3.72 -11.68 -32.80
C GLY A 165 3.78 -13.11 -33.30
N ALA A 166 3.38 -14.08 -32.49
CA ALA A 166 3.33 -15.48 -32.90
C ALA A 166 1.95 -15.91 -33.37
N ALA A 167 0.91 -15.12 -33.07
CA ALA A 167 -0.44 -15.43 -33.53
C ALA A 167 -0.57 -15.29 -35.04
N ARG A 168 0.34 -14.56 -35.69
CA ARG A 168 0.40 -14.53 -37.14
C ARG A 168 0.77 -15.91 -37.69
N GLU A 169 1.84 -16.51 -37.14
CA GLU A 169 2.30 -17.81 -37.64
C GLU A 169 1.24 -18.87 -37.50
N LEU A 170 0.71 -19.04 -36.29
CA LEU A 170 -0.26 -20.09 -35.99
C LEU A 170 -1.66 -19.65 -36.38
N GLY A 181 -5.07 -16.42 -26.45
CA GLY A 181 -3.87 -17.16 -26.11
C GLY A 181 -4.00 -17.98 -24.85
N THR A 182 -4.27 -17.30 -23.74
CA THR A 182 -4.47 -17.93 -22.44
C THR A 182 -5.96 -17.94 -22.11
N GLU A 183 -6.48 -19.11 -21.72
CA GLU A 183 -7.92 -19.26 -21.55
C GLU A 183 -8.45 -18.44 -20.38
N GLU A 184 -7.61 -18.19 -19.38
CA GLU A 184 -8.00 -17.44 -18.19
C GLU A 184 -7.95 -15.93 -18.39
N TYR A 185 -7.58 -15.47 -19.59
CA TYR A 185 -7.35 -14.05 -19.87
C TYR A 185 -8.01 -13.61 -21.18
N LEU A 186 -9.13 -14.22 -21.55
CA LEU A 186 -9.80 -13.95 -22.81
C LEU A 186 -10.99 -13.01 -22.62
N HIS A 187 -11.53 -12.40 -23.83
CA HIS A 187 -12.55 -11.36 -23.96
C HIS A 187 -13.93 -11.95 -24.29
N PRO A 188 -15.07 -11.24 -23.89
CA PRO A 188 -16.42 -11.76 -24.15
C PRO A 188 -16.77 -12.19 -25.56
N ASP A 189 -15.93 -11.84 -26.53
CA ASP A 189 -16.13 -12.27 -27.90
C ASP A 189 -15.01 -13.15 -28.41
N MET A 190 -13.91 -13.29 -27.67
CA MET A 190 -12.78 -14.13 -28.05
C MET A 190 -12.70 -15.40 -27.20
N TYR A 191 -13.84 -15.89 -26.73
CA TYR A 191 -13.94 -17.08 -25.89
C TYR A 191 -14.15 -18.34 -26.74
N GLU A 192 -15.22 -18.35 -27.52
CA GLU A 192 -15.59 -19.50 -28.32
C GLU A 192 -14.83 -19.52 -29.65
N GLY A 205 -9.62 -4.50 -33.38
CA GLY A 205 -9.18 -5.10 -32.14
C GLY A 205 -7.98 -4.41 -31.50
N ALA A 206 -8.04 -3.08 -31.43
CA ALA A 206 -7.03 -2.31 -30.73
C ALA A 206 -7.27 -2.23 -29.23
N THR A 207 -8.46 -2.65 -28.77
CA THR A 207 -8.84 -2.62 -27.36
C THR A 207 -8.81 -4.00 -26.72
N VAL A 208 -8.99 -5.07 -27.50
CA VAL A 208 -9.09 -6.42 -26.94
C VAL A 208 -7.85 -6.81 -26.15
N ASP A 209 -6.69 -6.20 -26.45
CA ASP A 209 -5.49 -6.52 -25.67
C ASP A 209 -5.66 -6.14 -24.21
N LEU A 210 -6.44 -5.08 -23.94
CA LEU A 210 -6.49 -4.48 -22.62
C LEU A 210 -7.33 -5.26 -21.63
N TRP A 211 -8.07 -6.28 -22.07
CA TRP A 211 -8.77 -7.12 -21.12
C TRP A 211 -7.78 -8.00 -20.37
N SER A 212 -7.03 -8.83 -21.11
CA SER A 212 -5.94 -9.60 -20.52
C SER A 212 -5.07 -8.72 -19.63
N ILE A 213 -4.79 -7.49 -20.05
CA ILE A 213 -4.07 -6.56 -19.20
C ILE A 213 -4.80 -6.42 -17.86
N GLY A 214 -6.04 -5.95 -17.90
CA GLY A 214 -6.79 -5.77 -16.67
C GLY A 214 -6.79 -7.00 -15.80
N VAL A 215 -7.01 -8.17 -16.41
CA VAL A 215 -6.96 -9.42 -15.65
C VAL A 215 -5.63 -9.55 -14.94
N THR A 216 -4.54 -9.25 -15.64
CA THR A 216 -3.21 -9.31 -15.07
C THR A 216 -3.05 -8.31 -13.93
N PHE A 217 -3.41 -7.05 -14.17
CA PHE A 217 -3.25 -6.02 -13.15
C PHE A 217 -4.16 -6.28 -11.95
N TYR A 218 -5.33 -6.89 -12.16
CA TYR A 218 -6.12 -7.34 -11.02
C TYR A 218 -5.38 -8.41 -10.25
N HIS A 219 -4.88 -9.43 -10.97
CA HIS A 219 -4.21 -10.57 -10.36
C HIS A 219 -3.01 -10.15 -9.55
N ALA A 220 -2.21 -9.22 -10.07
CA ALA A 220 -1.03 -8.75 -9.34
C ALA A 220 -1.42 -8.02 -8.07
N ALA A 221 -2.52 -7.25 -8.11
CA ALA A 221 -2.96 -6.51 -6.94
C ALA A 221 -3.65 -7.40 -5.93
N THR A 222 -4.52 -8.30 -6.40
CA THR A 222 -5.34 -9.11 -5.50
C THR A 222 -4.56 -10.28 -4.93
N GLY A 223 -3.86 -11.01 -5.81
CA GLY A 223 -3.30 -12.32 -5.49
C GLY A 223 -4.06 -13.45 -6.14
N SER A 224 -5.28 -13.20 -6.61
CA SER A 224 -6.09 -14.19 -7.30
C SER A 224 -6.78 -13.53 -8.48
N LEU A 225 -7.41 -14.34 -9.31
CA LEU A 225 -7.95 -13.87 -10.59
C LEU A 225 -9.25 -13.11 -10.40
N PRO A 226 -9.72 -12.41 -11.45
CA PRO A 226 -10.96 -11.64 -11.31
C PRO A 226 -12.23 -12.47 -11.32
N PHE A 227 -12.42 -13.33 -12.33
CA PHE A 227 -13.67 -14.03 -12.54
C PHE A 227 -13.50 -15.53 -12.38
N ARG A 228 -14.25 -16.12 -11.44
CA ARG A 228 -14.07 -17.53 -11.15
C ARG A 228 -15.30 -18.31 -10.73
N PRO A 229 -15.58 -19.46 -11.38
CA PRO A 229 -16.67 -20.33 -10.92
C PRO A 229 -16.27 -21.18 -9.72
N PHE A 230 -17.16 -22.09 -9.31
CA PHE A 230 -16.87 -22.94 -8.15
C PHE A 230 -15.82 -23.99 -8.49
N GLU A 231 -16.09 -24.81 -9.52
CA GLU A 231 -15.11 -25.80 -9.94
C GLU A 231 -13.91 -25.18 -10.65
N GLY A 232 -14.02 -23.94 -11.12
CA GLY A 232 -12.91 -23.25 -11.74
C GLY A 232 -12.89 -23.38 -13.24
N PRO A 233 -11.68 -23.34 -13.83
CA PRO A 233 -11.55 -23.54 -15.28
C PRO A 233 -11.49 -25.02 -15.67
N ARG A 234 -12.38 -25.81 -15.06
CA ARG A 234 -12.40 -27.27 -15.19
C ARG A 234 -13.24 -27.67 -16.40
N ARG A 235 -13.62 -28.95 -16.48
CA ARG A 235 -14.71 -29.35 -17.37
C ARG A 235 -15.96 -28.52 -17.11
N ASN A 236 -16.17 -28.09 -15.87
CA ASN A 236 -17.23 -27.15 -15.52
C ASN A 236 -16.75 -25.70 -15.64
N LYS A 237 -16.27 -25.35 -16.83
CA LYS A 237 -15.92 -23.97 -17.16
C LYS A 237 -16.99 -23.31 -18.01
N GLU A 238 -18.17 -23.92 -18.12
CA GLU A 238 -19.28 -23.30 -18.82
C GLU A 238 -19.80 -22.08 -18.07
N VAL A 239 -19.73 -22.12 -16.73
CA VAL A 239 -20.12 -20.98 -15.92
C VAL A 239 -19.32 -19.74 -16.31
N MET A 240 -18.03 -19.90 -16.58
CA MET A 240 -17.12 -18.77 -16.70
C MET A 240 -17.51 -17.82 -17.83
N TYR A 241 -18.13 -18.32 -18.89
CA TYR A 241 -18.43 -17.46 -20.04
C TYR A 241 -19.44 -16.37 -19.66
N LYS A 242 -20.55 -16.77 -19.02
CA LYS A 242 -21.56 -15.79 -18.62
C LYS A 242 -21.10 -14.91 -17.47
N ILE A 243 -20.14 -15.39 -16.66
CA ILE A 243 -19.51 -14.52 -15.68
C ILE A 243 -18.76 -13.39 -16.37
N ILE A 244 -17.98 -13.76 -17.39
CA ILE A 244 -17.17 -12.82 -18.14
C ILE A 244 -18.03 -11.90 -18.98
N THR A 245 -19.09 -12.43 -19.58
CA THR A 245 -19.97 -11.65 -20.45
C THR A 245 -21.08 -10.94 -19.68
N GLY A 246 -21.18 -11.14 -18.37
CA GLY A 246 -22.20 -10.44 -17.60
C GLY A 246 -22.02 -8.94 -17.62
N LYS A 247 -20.77 -8.48 -17.48
CA LYS A 247 -20.41 -7.07 -17.52
C LYS A 247 -21.34 -6.16 -16.71
N PRO A 248 -21.60 -6.53 -15.44
CA PRO A 248 -22.54 -5.74 -14.64
C PRO A 248 -21.96 -4.41 -14.21
N SER A 249 -22.79 -3.36 -14.29
CA SER A 249 -22.44 -2.02 -13.84
C SER A 249 -20.99 -1.72 -14.25
N GLY A 250 -20.12 -1.34 -13.33
CA GLY A 250 -18.70 -1.20 -13.64
C GLY A 250 -17.84 -2.14 -12.83
N ALA A 251 -18.36 -3.35 -12.62
CA ALA A 251 -17.76 -4.34 -11.74
C ALA A 251 -16.41 -4.81 -12.28
N ILE A 252 -15.56 -5.27 -11.35
CA ILE A 252 -14.24 -5.80 -11.69
C ILE A 252 -14.04 -7.25 -11.29
N SER A 253 -14.95 -7.85 -10.52
CA SER A 253 -14.79 -9.24 -10.12
C SER A 253 -16.15 -9.92 -9.99
N GLY A 254 -16.18 -11.22 -10.30
CA GLY A 254 -17.36 -12.05 -10.13
C GLY A 254 -17.01 -13.45 -9.66
N VAL A 255 -17.55 -13.86 -8.51
CA VAL A 255 -17.11 -15.07 -7.82
C VAL A 255 -18.33 -15.82 -7.30
N GLN A 256 -18.52 -17.07 -7.74
CA GLN A 256 -19.56 -17.92 -7.19
C GLN A 256 -18.94 -18.90 -6.20
N LYS A 257 -19.33 -18.76 -4.93
CA LYS A 257 -18.76 -19.52 -3.83
C LYS A 257 -19.55 -20.78 -3.50
N ALA A 258 -20.59 -21.10 -4.26
CA ALA A 258 -21.41 -22.28 -4.02
C ALA A 258 -21.65 -23.01 -5.33
N GLU A 259 -21.63 -24.34 -5.27
CA GLU A 259 -21.82 -25.14 -6.48
C GLU A 259 -23.20 -24.86 -7.08
N ASN A 260 -23.22 -24.64 -8.40
CA ASN A 260 -24.43 -24.22 -9.11
C ASN A 260 -25.01 -22.93 -8.51
N GLY A 261 -24.17 -22.13 -7.86
CA GLY A 261 -24.65 -21.05 -7.03
C GLY A 261 -24.63 -19.69 -7.69
N PRO A 262 -24.62 -18.62 -6.86
CA PRO A 262 -24.74 -17.26 -7.40
C PRO A 262 -23.40 -16.52 -7.52
N ILE A 263 -23.33 -15.60 -8.48
CA ILE A 263 -22.09 -14.91 -8.83
C ILE A 263 -22.09 -13.56 -8.14
N ASP A 264 -21.33 -13.46 -7.05
CA ASP A 264 -21.19 -12.19 -6.32
C ASP A 264 -20.33 -11.22 -7.11
N TRP A 265 -20.81 -10.00 -7.27
CA TRP A 265 -20.07 -8.97 -8.00
C TRP A 265 -19.52 -7.92 -7.04
N SER A 266 -18.43 -7.28 -7.45
CA SER A 266 -17.83 -6.19 -6.70
C SER A 266 -17.05 -5.31 -7.66
N GLY A 267 -17.21 -4.01 -7.50
CA GLY A 267 -16.46 -3.05 -8.30
C GLY A 267 -15.34 -2.44 -7.50
N ASP A 268 -14.75 -3.25 -6.61
CA ASP A 268 -13.78 -2.75 -5.66
C ASP A 268 -12.82 -3.88 -5.28
N MET A 269 -11.66 -3.50 -4.76
CA MET A 269 -10.66 -4.47 -4.35
C MET A 269 -11.07 -5.13 -3.04
N PRO A 270 -10.52 -6.31 -2.75
CA PRO A 270 -10.84 -6.99 -1.50
C PRO A 270 -10.09 -6.39 -0.32
N VAL A 271 -10.48 -6.82 0.88
CA VAL A 271 -9.83 -6.32 2.08
C VAL A 271 -8.42 -6.89 2.20
N SER A 272 -8.25 -8.18 1.89
CA SER A 272 -6.94 -8.81 1.90
C SER A 272 -5.94 -8.08 1.02
N CYS A 273 -6.42 -7.23 0.11
CA CYS A 273 -5.55 -6.47 -0.77
C CYS A 273 -4.64 -5.54 0.03
N SER A 274 -3.33 -5.83 0.01
CA SER A 274 -2.34 -5.04 0.73
C SER A 274 -1.90 -3.80 -0.04
N LEU A 275 -2.84 -3.09 -0.64
CA LEU A 275 -2.57 -1.88 -1.41
C LEU A 275 -3.25 -0.70 -0.71
N SER A 276 -2.57 0.45 -0.69
CA SER A 276 -3.11 1.61 -0.02
C SER A 276 -4.50 1.96 -0.56
N ARG A 277 -5.35 2.48 0.34
CA ARG A 277 -6.61 3.07 -0.09
C ARG A 277 -6.35 4.12 -1.16
N GLY A 278 -5.36 4.96 -0.95
CA GLY A 278 -4.99 5.96 -1.93
C GLY A 278 -4.93 5.40 -3.35
N LEU A 279 -4.14 4.35 -3.54
CA LEU A 279 -3.96 3.81 -4.90
C LEU A 279 -5.23 3.14 -5.41
N GLN A 280 -5.90 2.36 -4.55
CA GLN A 280 -7.11 1.66 -4.97
C GLN A 280 -8.08 2.60 -5.66
N VAL A 281 -8.26 3.80 -5.10
CA VAL A 281 -9.19 4.79 -5.62
C VAL A 281 -8.80 5.28 -7.00
N LEU A 282 -7.53 5.08 -7.39
CA LEU A 282 -7.05 5.41 -8.73
C LEU A 282 -7.04 4.21 -9.66
N LEU A 283 -6.74 3.02 -9.12
CA LEU A 283 -6.63 1.81 -9.92
C LEU A 283 -8.00 1.25 -10.27
N THR A 284 -8.97 1.35 -9.36
CA THR A 284 -10.30 0.80 -9.60
C THR A 284 -10.91 1.35 -10.88
N PRO A 285 -10.87 2.66 -11.14
CA PRO A 285 -11.42 3.15 -12.43
C PRO A 285 -10.69 2.57 -13.63
N VAL A 286 -9.36 2.44 -13.55
CA VAL A 286 -8.61 1.87 -14.66
C VAL A 286 -9.14 0.49 -15.00
N LEU A 287 -9.12 -0.43 -14.02
CA LEU A 287 -9.52 -1.80 -14.25
C LEU A 287 -11.01 -1.90 -14.60
N ALA A 288 -11.83 -1.04 -14.00
CA ALA A 288 -13.27 -1.10 -14.26
C ALA A 288 -13.58 -0.77 -15.71
N ASN A 289 -12.87 0.20 -16.27
CA ASN A 289 -13.12 0.66 -17.62
C ASN A 289 -12.35 -0.13 -18.68
N ILE A 290 -11.38 -0.95 -18.29
CA ILE A 290 -10.74 -1.86 -19.25
C ILE A 290 -11.26 -3.29 -19.11
N LEU A 291 -12.26 -3.52 -18.26
CA LEU A 291 -12.86 -4.83 -18.07
C LEU A 291 -14.37 -4.72 -18.36
N GLU A 292 -14.70 -4.59 -19.65
CA GLU A 292 -16.08 -4.45 -20.12
C GLU A 292 -16.19 -5.20 -21.46
N ALA A 293 -17.41 -5.25 -22.01
CA ALA A 293 -17.63 -5.90 -23.30
C ALA A 293 -17.85 -4.91 -24.44
N ASP A 294 -18.88 -4.08 -24.33
CA ASP A 294 -19.26 -3.14 -25.37
C ASP A 294 -18.06 -2.30 -25.81
N GLN A 295 -17.70 -2.41 -27.10
CA GLN A 295 -16.45 -1.81 -27.59
C GLN A 295 -16.47 -0.29 -27.45
N GLU A 296 -17.58 0.35 -27.83
CA GLU A 296 -17.66 1.80 -27.76
C GLU A 296 -17.66 2.32 -26.33
N LYS A 297 -18.03 1.46 -25.36
CA LYS A 297 -18.04 1.81 -23.94
C LYS A 297 -16.65 1.72 -23.33
N CYS A 298 -15.84 0.73 -23.75
CA CYS A 298 -14.55 0.43 -23.15
C CYS A 298 -13.45 1.37 -23.65
N TRP A 299 -12.36 1.44 -22.89
CA TRP A 299 -11.26 2.35 -23.15
C TRP A 299 -10.41 1.87 -24.35
N GLY A 300 -9.53 2.77 -24.81
CA GLY A 300 -8.55 2.46 -25.85
C GLY A 300 -7.13 2.75 -25.39
N PHE A 301 -6.12 2.20 -26.05
CA PHE A 301 -4.76 2.28 -25.52
C PHE A 301 -4.30 3.73 -25.35
N ASP A 302 -4.87 4.67 -26.13
CA ASP A 302 -4.56 6.08 -25.93
C ASP A 302 -5.17 6.60 -24.64
N GLN A 303 -6.48 6.36 -24.45
CA GLN A 303 -7.11 6.69 -23.18
C GLN A 303 -6.42 5.98 -22.02
N PHE A 304 -6.12 4.69 -22.19
CA PHE A 304 -5.57 3.89 -21.11
C PHE A 304 -4.16 4.30 -20.76
N PHE A 305 -3.28 4.41 -21.76
CA PHE A 305 -1.91 4.85 -21.50
C PHE A 305 -1.88 6.26 -20.91
N ALA A 306 -2.89 7.07 -21.22
CA ALA A 306 -2.97 8.40 -20.61
C ALA A 306 -3.33 8.30 -19.13
N GLU A 307 -4.25 7.39 -18.79
CA GLU A 307 -4.74 7.30 -17.41
C GLU A 307 -3.73 6.65 -16.48
N THR A 308 -3.03 5.61 -16.94
CA THR A 308 -2.04 4.95 -16.11
C THR A 308 -0.84 5.85 -15.87
N SER A 309 -0.46 6.65 -16.87
CA SER A 309 0.60 7.63 -16.67
C SER A 309 0.31 8.48 -15.44
N ASP A 310 -0.91 9.03 -15.36
CA ASP A 310 -1.27 9.89 -14.24
C ASP A 310 -1.01 9.22 -12.90
N ILE A 311 -1.24 7.91 -12.81
CA ILE A 311 -0.93 7.20 -11.58
C ILE A 311 0.57 7.23 -11.31
N LEU A 312 1.35 6.88 -12.32
CA LEU A 312 2.78 6.64 -12.10
C LEU A 312 3.57 7.93 -12.02
N HIS A 313 3.00 9.05 -12.45
CA HIS A 313 3.67 10.35 -12.33
C HIS A 313 3.35 11.05 -11.02
N ARG A 314 2.60 10.41 -10.14
CA ARG A 314 2.25 10.98 -8.85
C ARG A 314 3.26 10.56 -7.79
N MET A 315 3.54 11.47 -6.86
CA MET A 315 4.35 11.17 -5.70
C MET A 315 3.45 10.77 -4.54
N VAL A 316 4.02 10.11 -3.54
CA VAL A 316 3.26 9.60 -2.41
C VAL A 316 3.71 10.32 -1.15
N ILE A 317 2.77 11.02 -0.53
CA ILE A 317 2.94 11.64 0.78
C ILE A 317 2.25 10.74 1.79
N HIS A 318 2.96 10.34 2.84
CA HIS A 318 2.41 9.45 3.85
C HIS A 318 1.80 10.29 4.97
N VAL A 319 0.50 10.15 5.19
CA VAL A 319 -0.21 10.91 6.22
C VAL A 319 -0.78 9.91 7.23
N PHE A 320 -0.39 10.04 8.51
CA PHE A 320 -0.93 9.19 9.57
C PHE A 320 -2.03 9.94 10.30
N SER A 321 -3.27 9.52 10.13
CA SER A 321 -4.35 10.22 10.81
C SER A 321 -4.33 9.79 12.28
N LEU A 322 -3.52 10.50 13.08
CA LEU A 322 -3.32 10.13 14.47
C LEU A 322 -4.66 9.98 15.19
N GLN A 323 -5.59 10.90 14.95
CA GLN A 323 -6.84 10.85 15.71
C GLN A 323 -7.57 9.53 15.47
N GLN A 324 -7.59 9.01 14.23
CA GLN A 324 -8.34 7.80 13.97
C GLN A 324 -7.47 6.53 13.85
N MET A 325 -6.19 6.59 14.24
CA MET A 325 -5.29 5.44 14.16
C MET A 325 -5.40 4.72 12.81
N THR A 326 -5.15 5.46 11.74
CA THR A 326 -5.08 4.89 10.39
C THR A 326 -3.93 5.57 9.67
N ALA A 327 -3.30 4.85 8.73
CA ALA A 327 -2.20 5.35 7.92
C ALA A 327 -2.67 5.47 6.48
N HIS A 328 -2.25 6.54 5.80
CA HIS A 328 -2.69 6.77 4.43
C HIS A 328 -1.54 7.17 3.52
N LYS A 329 -1.74 6.91 2.23
CA LYS A 329 -0.83 7.31 1.15
C LYS A 329 -1.55 8.33 0.28
N ILE A 330 -1.02 9.54 0.20
CA ILE A 330 -1.65 10.62 -0.54
C ILE A 330 -0.99 10.67 -1.91
N TYR A 331 -1.69 10.14 -2.92
CA TYR A 331 -1.19 10.06 -4.29
C TYR A 331 -1.46 11.40 -4.97
N ILE A 332 -0.49 12.30 -4.88
CA ILE A 332 -0.59 13.68 -5.32
C ILE A 332 0.41 13.90 -6.45
N HIS A 333 0.12 14.90 -7.29
CA HIS A 333 1.03 15.30 -8.35
C HIS A 333 2.04 16.33 -7.84
N SER A 334 3.30 16.19 -8.28
CA SER A 334 4.37 17.04 -7.79
C SER A 334 4.08 18.52 -8.02
N TYR A 335 3.25 18.84 -9.02
CA TYR A 335 2.89 20.22 -9.32
C TYR A 335 1.60 20.66 -8.64
N ASN A 336 0.93 19.77 -7.93
CA ASN A 336 -0.34 20.10 -7.31
C ASN A 336 -0.14 21.00 -6.10
N THR A 337 -1.13 21.87 -5.87
CA THR A 337 -1.09 22.82 -4.78
C THR A 337 -1.56 22.18 -3.47
N ALA A 338 -1.08 22.74 -2.35
CA ALA A 338 -1.46 22.24 -1.04
C ALA A 338 -2.96 22.35 -0.80
N THR A 339 -3.65 23.23 -1.53
CA THR A 339 -5.11 23.26 -1.46
C THR A 339 -5.71 21.95 -1.95
N ILE A 340 -5.08 21.32 -2.95
CA ILE A 340 -5.55 20.02 -3.42
C ILE A 340 -5.19 18.94 -2.40
N PHE A 341 -3.97 18.97 -1.89
CA PHE A 341 -3.54 17.99 -0.89
C PHE A 341 -4.55 17.84 0.23
N HIS A 342 -4.97 18.96 0.83
CA HIS A 342 -5.93 18.88 1.92
C HIS A 342 -7.27 18.30 1.45
N GLU A 343 -7.63 18.53 0.18
CA GLU A 343 -8.83 17.88 -0.35
C GLU A 343 -8.63 16.39 -0.48
N LEU A 344 -7.46 15.98 -0.98
CA LEU A 344 -7.14 14.57 -1.07
C LEU A 344 -7.26 13.90 0.30
N VAL A 345 -6.52 14.42 1.29
CA VAL A 345 -6.59 13.87 2.64
C VAL A 345 -8.04 13.72 3.07
N TYR A 346 -8.86 14.76 2.83
CA TYR A 346 -10.26 14.71 3.24
C TYR A 346 -10.97 13.50 2.65
N LYS A 347 -10.64 13.13 1.41
CA LYS A 347 -11.30 11.99 0.78
C LYS A 347 -11.01 10.69 1.54
N GLN A 348 -9.88 10.61 2.25
CA GLN A 348 -9.48 9.42 2.97
C GLN A 348 -9.76 9.49 4.47
N THR A 349 -9.52 10.64 5.11
CA THR A 349 -9.71 10.81 6.54
C THR A 349 -11.05 11.44 6.92
N LYS A 350 -11.77 12.00 5.95
CA LYS A 350 -13.05 12.70 6.19
C LYS A 350 -12.89 13.90 7.12
N ILE A 351 -11.71 14.51 7.08
CA ILE A 351 -11.39 15.69 7.88
C ILE A 351 -11.44 16.88 6.95
N ILE A 352 -11.95 18.01 7.43
CA ILE A 352 -12.13 19.17 6.55
C ILE A 352 -10.83 19.98 6.49
N SER A 353 -10.56 20.52 5.30
CA SER A 353 -9.29 21.21 5.04
C SER A 353 -9.06 22.32 6.06
N SER A 354 -10.14 22.95 6.53
CA SER A 354 -10.02 23.99 7.54
C SER A 354 -9.62 23.41 8.89
N ASN A 355 -10.16 22.22 9.22
CA ASN A 355 -9.88 21.59 10.51
C ASN A 355 -8.61 20.77 10.51
N GLN A 356 -8.15 20.31 9.35
CA GLN A 356 -6.96 19.47 9.27
C GLN A 356 -5.77 20.21 9.87
N GLU A 357 -5.15 19.59 10.86
CA GLU A 357 -3.94 20.11 11.49
C GLU A 357 -2.81 19.14 11.20
N LEU A 358 -1.57 19.63 11.25
CA LEU A 358 -0.42 18.80 10.91
C LEU A 358 0.68 18.92 11.96
N ILE A 359 1.45 17.85 12.06
CA ILE A 359 2.60 17.71 12.94
C ILE A 359 3.66 16.99 12.12
N TYR A 360 4.92 17.36 12.29
CA TYR A 360 6.01 16.76 11.53
C TYR A 360 7.29 16.86 12.33
N GLU A 361 7.98 15.74 12.53
CA GLU A 361 9.26 15.71 13.24
C GLU A 361 9.21 16.55 14.51
N GLY A 362 8.12 16.38 15.26
CA GLY A 362 7.99 16.97 16.57
C GLY A 362 7.42 18.35 16.63
N ARG A 363 6.93 18.89 15.51
CA ARG A 363 6.56 20.30 15.45
C ARG A 363 5.37 20.50 14.53
N ARG A 364 4.47 21.40 14.95
CA ARG A 364 3.31 21.72 14.14
C ARG A 364 3.73 22.16 12.75
N LEU A 365 3.15 21.55 11.72
CA LEU A 365 3.44 21.89 10.34
C LEU A 365 2.31 22.72 9.77
N VAL A 366 2.65 23.80 9.06
CA VAL A 366 1.67 24.71 8.50
C VAL A 366 1.92 24.89 7.01
N LEU A 367 0.84 24.86 6.22
CA LEU A 367 0.92 24.67 4.78
C LEU A 367 0.11 25.72 4.03
N GLU A 368 0.81 26.71 3.47
CA GLU A 368 0.19 27.70 2.62
C GLU A 368 -0.44 27.03 1.40
N PRO A 369 -1.59 27.51 0.90
CA PRO A 369 -2.25 26.80 -0.19
C PRO A 369 -1.46 26.75 -1.48
N GLY A 370 -0.70 27.81 -1.80
CA GLY A 370 0.01 27.86 -3.07
C GLY A 370 1.15 26.86 -3.18
N ARG A 371 1.66 26.37 -2.05
CA ARG A 371 2.84 25.53 -2.05
C ARG A 371 2.65 24.28 -2.90
N LEU A 372 3.66 23.96 -3.71
CA LEU A 372 3.63 22.81 -4.58
C LEU A 372 3.99 21.54 -3.80
N ALA A 373 3.52 20.39 -4.32
CA ALA A 373 3.75 19.14 -3.64
C ALA A 373 5.23 18.78 -3.56
N GLN A 374 6.03 19.20 -4.55
CA GLN A 374 7.44 18.82 -4.52
C GLN A 374 8.18 19.48 -3.38
N HIS A 375 7.63 20.53 -2.80
CA HIS A 375 8.27 21.29 -1.73
C HIS A 375 7.66 21.00 -0.37
N PHE A 376 6.98 19.87 -0.23
CA PHE A 376 6.55 19.34 1.06
C PHE A 376 7.73 18.67 1.75
N PRO A 377 7.61 18.33 3.03
CA PRO A 377 8.72 17.61 3.69
C PRO A 377 8.84 16.16 3.23
N LYS A 378 9.85 15.44 3.74
CA LYS A 378 10.14 14.07 3.31
C LYS A 378 9.40 13.07 4.20
N THR A 379 8.68 12.13 3.59
CA THR A 379 7.86 11.19 4.34
C THR A 379 8.19 9.73 4.01
N THR A 380 7.83 8.85 4.95
CA THR A 380 7.96 7.39 4.86
C THR A 380 6.84 6.79 5.70
N GLU A 381 6.59 5.49 5.58
CA GLU A 381 5.65 4.86 6.51
C GLU A 381 6.15 5.02 7.95
N GLU A 382 7.47 4.87 8.14
CA GLU A 382 8.08 5.02 9.46
C GLU A 382 7.94 6.44 10.02
N ASN A 383 8.11 7.46 9.14
CA ASN A 383 8.06 8.86 9.53
C ASN A 383 7.18 9.67 8.59
N PRO A 384 5.91 9.73 8.84
CA PRO A 384 4.92 10.44 8.01
C PRO A 384 4.44 11.74 8.61
N ILE A 385 3.49 12.40 7.94
CA ILE A 385 2.88 13.64 8.40
C ILE A 385 1.61 13.31 9.19
N PHE A 386 1.65 13.47 10.52
CA PHE A 386 0.47 13.19 11.34
C PHE A 386 -0.62 14.23 11.10
N VAL A 387 -1.89 13.84 11.29
CA VAL A 387 -3.03 14.74 11.10
C VAL A 387 -3.89 14.74 12.36
N VAL A 388 -4.05 15.91 12.98
CA VAL A 388 -4.91 16.09 14.15
C VAL A 388 -6.09 16.97 13.78
N SER A 389 -7.12 16.97 14.62
CA SER A 389 -8.31 17.78 14.39
C SER A 389 -8.85 18.34 15.71
N ARG A 390 -9.55 19.47 15.60
CA ARG A 390 -10.30 19.98 16.74
C ARG A 390 -11.56 19.15 16.98
N GLU A 391 -12.29 18.84 15.91
CA GLU A 391 -13.51 18.06 16.00
C GLU A 391 -13.21 16.59 16.34
N PRO A 392 -14.18 15.87 16.91
CA PRO A 392 -13.95 14.45 17.22
C PRO A 392 -14.23 13.52 16.05
N LEU A 393 -13.64 12.32 16.16
CA LEU A 393 -13.64 11.29 15.12
C LEU A 393 -13.62 9.92 15.83
N ASN A 394 -14.45 8.98 15.36
CA ASN A 394 -14.30 7.62 15.87
C ASN A 394 -13.00 7.00 15.36
N THR A 395 -12.37 6.17 16.18
CA THR A 395 -11.08 5.54 15.86
C THR A 395 -11.32 4.15 15.28
N ILE A 396 -11.21 4.02 13.94
CA ILE A 396 -11.45 2.75 13.27
C ILE A 396 -10.35 1.74 13.57
N GLY A 397 -9.09 2.19 13.65
CA GLY A 397 -7.96 1.28 13.81
C GLY A 397 -7.57 0.68 12.46
N LEU A 398 -6.76 -0.38 12.49
CA LEU A 398 -6.43 -1.08 11.24
C LEU A 398 -7.56 -2.01 10.85
N ILE A 399 -7.90 -2.03 9.56
CA ILE A 399 -9.06 -2.78 9.08
C ILE A 399 -8.59 -3.86 8.12
N TYR A 400 -8.43 -5.08 8.64
CA TYR A 400 -7.89 -6.19 7.86
C TYR A 400 -8.92 -7.32 7.74
N GLU A 401 -8.58 -8.27 6.85
CA GLU A 401 -9.42 -9.43 6.58
C GLU A 401 -9.05 -10.56 7.53
N LYS A 402 -10.06 -11.14 8.19
CA LYS A 402 -9.84 -12.18 9.19
C LYS A 402 -9.92 -13.55 8.52
N ILE A 403 -8.78 -14.09 8.13
CA ILE A 403 -8.69 -15.30 7.34
C ILE A 403 -8.29 -16.45 8.24
N SER A 404 -9.10 -17.49 8.30
CA SER A 404 -8.80 -18.69 9.07
C SER A 404 -7.96 -19.65 8.24
N LEU A 405 -7.29 -20.58 8.92
CA LEU A 405 -6.41 -21.50 8.22
C LEU A 405 -7.23 -22.48 7.37
N PRO A 406 -6.73 -22.88 6.19
CA PRO A 406 -7.44 -23.90 5.41
C PRO A 406 -7.36 -25.27 6.06
N LYS A 407 -7.79 -26.30 5.35
CA LYS A 407 -7.92 -27.64 5.91
C LYS A 407 -6.72 -28.50 5.56
N VAL A 408 -6.14 -29.14 6.57
CA VAL A 408 -5.04 -30.08 6.42
C VAL A 408 -5.61 -31.48 6.53
N HIS A 409 -5.66 -32.23 5.39
CA HIS A 409 -6.32 -33.52 5.37
C HIS A 409 -5.30 -34.65 5.51
N PRO A 410 -5.71 -35.80 6.08
CA PRO A 410 -4.77 -36.92 6.24
C PRO A 410 -4.49 -37.65 4.94
N ARG A 411 -5.21 -37.29 3.87
CA ARG A 411 -4.95 -37.78 2.54
C ARG A 411 -3.50 -37.53 2.14
N TYR A 412 -2.87 -38.55 1.55
CA TYR A 412 -1.58 -38.37 0.89
C TYR A 412 -1.85 -38.07 -0.57
N ASP A 413 -1.62 -36.84 -0.99
CA ASP A 413 -1.87 -36.37 -2.33
C ASP A 413 -0.72 -35.44 -2.69
N LEU A 414 -0.02 -35.70 -3.80
CA LEU A 414 1.13 -34.85 -4.10
C LEU A 414 0.69 -33.47 -4.58
N ASP A 415 -0.32 -33.44 -5.46
CA ASP A 415 -0.76 -32.20 -6.08
C ASP A 415 -1.63 -31.35 -5.14
N GLY A 416 -2.39 -31.99 -4.26
CA GLY A 416 -3.24 -31.29 -3.30
C GLY A 416 -2.57 -30.97 -2.00
N ASP A 417 -1.34 -31.43 -1.82
CA ASP A 417 -0.48 -31.00 -0.73
C ASP A 417 0.43 -29.86 -1.15
N ALA A 418 0.80 -29.82 -2.43
CA ALA A 418 1.47 -28.64 -2.97
C ALA A 418 0.52 -27.46 -3.02
N SER A 419 -0.74 -27.73 -3.39
CA SER A 419 -1.77 -26.71 -3.43
C SER A 419 -2.06 -26.17 -2.04
N MET A 420 -2.22 -27.07 -1.07
CA MET A 420 -2.53 -26.67 0.30
C MET A 420 -1.38 -25.88 0.91
N ALA A 421 -0.14 -26.27 0.61
CA ALA A 421 1.02 -25.66 1.26
C ALA A 421 1.14 -24.19 0.90
N LYS A 422 0.90 -23.83 -0.36
CA LYS A 422 0.87 -22.42 -0.74
C LYS A 422 -0.22 -21.68 0.03
N ALA A 423 -1.42 -22.25 0.10
CA ALA A 423 -2.52 -21.59 0.78
C ALA A 423 -2.20 -21.36 2.26
N ILE A 424 -2.02 -22.44 3.01
CA ILE A 424 -1.86 -22.31 4.46
C ILE A 424 -0.72 -21.37 4.79
N THR A 425 0.39 -21.45 4.05
CA THR A 425 1.49 -20.51 4.27
C THR A 425 1.11 -19.11 3.81
N GLY A 426 0.30 -19.01 2.74
CA GLY A 426 -0.13 -17.70 2.27
C GLY A 426 -0.95 -16.95 3.30
N VAL A 427 -1.74 -17.66 4.10
CA VAL A 427 -2.48 -17.03 5.17
C VAL A 427 -1.54 -16.53 6.26
N VAL A 428 -0.55 -17.35 6.63
CA VAL A 428 0.38 -16.96 7.69
C VAL A 428 1.20 -15.75 7.26
N CYS A 429 1.47 -15.59 5.96
CA CYS A 429 2.12 -14.38 5.50
C CYS A 429 1.23 -13.16 5.73
N TYR A 430 -0.08 -13.29 5.46
CA TYR A 430 -0.99 -12.20 5.79
C TYR A 430 -1.00 -11.95 7.29
N ALA A 431 -1.10 -13.01 8.09
CA ALA A 431 -1.12 -12.86 9.54
C ALA A 431 0.18 -12.24 10.04
N CYS A 432 1.30 -12.56 9.41
CA CYS A 432 2.58 -11.93 9.74
C CYS A 432 2.69 -10.54 9.14
N ARG A 433 1.91 -10.25 8.10
CA ARG A 433 1.85 -8.90 7.54
C ARG A 433 1.05 -7.98 8.45
N ILE A 434 -0.21 -8.35 8.73
CA ILE A 434 -1.01 -7.60 9.68
C ILE A 434 -0.24 -7.39 10.98
N ALA A 435 0.41 -8.45 11.48
CA ALA A 435 1.10 -8.34 12.76
C ALA A 435 2.09 -7.18 12.76
N SER A 436 2.76 -6.95 11.63
CA SER A 436 3.76 -5.89 11.55
C SER A 436 3.12 -4.52 11.39
N THR A 437 2.06 -4.44 10.57
CA THR A 437 1.37 -3.17 10.39
C THR A 437 0.73 -2.70 11.69
N LEU A 438 0.07 -3.60 12.40
CA LEU A 438 -0.46 -3.25 13.72
C LEU A 438 0.63 -2.66 14.60
N LEU A 439 1.85 -3.19 14.51
CA LEU A 439 2.95 -2.66 15.31
C LEU A 439 3.38 -1.28 14.81
N LEU A 440 3.49 -1.12 13.49
CA LEU A 440 3.75 0.21 12.93
C LEU A 440 2.73 1.21 13.47
N TYR A 441 1.44 0.91 13.28
CA TYR A 441 0.38 1.72 13.86
C TYR A 441 0.67 1.99 15.34
N GLN A 442 0.81 0.94 16.14
CA GLN A 442 1.01 1.10 17.58
C GLN A 442 2.20 1.99 17.88
N GLU A 443 3.32 1.79 17.20
CA GLU A 443 4.50 2.60 17.47
C GLU A 443 4.37 4.01 16.89
N LEU A 444 3.56 4.17 15.84
CA LEU A 444 3.34 5.49 15.25
C LEU A 444 2.41 6.31 16.11
N MET A 445 1.43 5.63 16.71
CA MET A 445 0.56 6.27 17.68
C MET A 445 1.34 6.71 18.89
N ARG A 446 2.21 5.82 19.37
CA ARG A 446 3.08 6.14 20.49
C ARG A 446 3.84 7.42 20.23
N LYS A 447 4.43 7.49 19.04
CA LYS A 447 5.24 8.62 18.61
C LYS A 447 4.39 9.86 18.44
N GLY A 448 3.26 9.73 17.74
CA GLY A 448 2.44 10.90 17.46
C GLY A 448 1.84 11.50 18.73
N ILE A 449 1.43 10.64 19.64
CA ILE A 449 0.88 11.05 20.94
C ILE A 449 1.96 11.73 21.78
N ARG A 450 3.20 11.22 21.72
CA ARG A 450 4.29 11.75 22.52
C ARG A 450 4.57 13.21 22.19
N TRP A 451 4.56 13.55 20.91
CA TRP A 451 4.73 14.92 20.47
C TRP A 451 3.54 15.78 20.85
N LEU A 452 2.34 15.26 20.65
CA LEU A 452 1.14 16.05 20.86
C LEU A 452 1.06 16.56 22.29
N ILE A 453 1.38 15.71 23.29
CA ILE A 453 1.30 16.21 24.66
C ILE A 453 2.35 17.30 24.90
N GLU A 454 3.53 17.16 24.28
CA GLU A 454 4.56 18.18 24.42
C GLU A 454 4.18 19.44 23.66
N LEU A 455 3.37 19.30 22.61
CA LEU A 455 2.91 20.42 21.81
C LEU A 455 1.68 21.09 22.40
N ILE A 456 0.90 20.37 23.21
CA ILE A 456 -0.16 21.00 24.00
C ILE A 456 0.43 21.65 25.24
N LYS A 457 1.43 21.00 25.84
CA LYS A 457 2.19 21.64 26.92
C LYS A 457 2.76 22.97 26.47
N ASP A 458 3.13 23.09 25.20
CA ASP A 458 3.62 24.36 24.67
C ASP A 458 2.57 25.45 24.80
N ASP A 459 1.30 25.12 24.55
CA ASP A 459 0.26 26.13 24.56
C ASP A 459 -0.05 26.61 25.97
N TYR A 460 -0.01 25.71 26.95
CA TYR A 460 -0.21 26.11 28.34
C TYR A 460 0.92 27.01 28.82
N ASN A 461 2.15 26.74 28.39
CA ASN A 461 3.29 27.57 28.75
C ASN A 461 3.39 28.83 27.89
N GLU A 462 2.80 28.81 26.69
CA GLU A 462 2.71 30.03 25.89
C GLU A 462 1.71 31.01 26.48
N THR A 463 0.63 30.48 27.06
CA THR A 463 -0.42 31.33 27.62
C THR A 463 0.06 32.04 28.87
N VAL A 464 0.91 31.39 29.68
CA VAL A 464 1.36 32.00 30.92
C VAL A 464 2.06 33.33 30.63
N HIS A 465 2.86 33.39 29.57
CA HIS A 465 3.55 34.63 29.23
C HIS A 465 2.59 35.68 28.69
N LYS A 466 1.55 35.24 27.96
CA LYS A 466 0.47 36.16 27.60
C LYS A 466 -0.38 36.54 28.80
N LYS A 467 -0.33 35.76 29.88
CA LYS A 467 -1.04 36.11 31.11
C LYS A 467 -0.28 37.14 31.93
N THR A 468 1.04 36.98 32.09
CA THR A 468 1.83 37.98 32.79
C THR A 468 1.78 39.32 32.07
N GLU A 469 1.82 39.28 30.73
CA GLU A 469 1.56 40.45 29.90
C GLU A 469 0.34 41.23 30.32
N VAL A 470 -0.60 40.60 31.02
CA VAL A 470 -1.82 41.25 31.48
C VAL A 470 -1.80 41.45 32.99
N VAL A 471 -1.53 40.39 33.75
CA VAL A 471 -1.70 40.47 35.20
C VAL A 471 -0.70 41.44 35.82
N ILE A 472 0.54 41.47 35.32
CA ILE A 472 1.53 42.39 35.88
C ILE A 472 1.15 43.82 35.51
N THR A 473 0.86 44.07 34.24
CA THR A 473 0.47 45.41 33.80
C THR A 473 -0.82 45.85 34.51
N LEU A 474 -1.76 44.92 34.70
CA LEU A 474 -3.05 45.28 35.28
C LEU A 474 -2.94 45.52 36.78
N ASP A 475 -2.21 44.66 37.49
CA ASP A 475 -2.02 44.84 38.93
C ASP A 475 -0.95 45.89 39.26
N PHE A 476 -0.28 46.44 38.24
CA PHE A 476 0.47 47.68 38.38
C PHE A 476 -0.38 48.89 38.06
N CYS A 477 -1.45 48.72 37.26
CA CYS A 477 -2.33 49.83 36.92
C CYS A 477 -3.28 50.17 38.06
N ILE A 478 -3.76 49.16 38.80
CA ILE A 478 -4.61 49.44 39.95
C ILE A 478 -3.81 50.17 41.04
N ARG A 479 -2.51 49.87 41.16
CA ARG A 479 -1.66 50.65 42.05
C ARG A 479 -1.54 52.09 41.57
N ASN A 480 -1.58 52.30 40.24
CA ASN A 480 -1.43 53.63 39.69
C ASN A 480 -2.69 54.47 39.90
N ILE A 481 -3.87 53.86 39.86
CA ILE A 481 -5.10 54.59 40.16
C ILE A 481 -5.16 54.93 41.65
N GLU A 482 -4.57 54.09 42.51
CA GLU A 482 -4.41 54.45 43.91
C GLU A 482 -3.30 55.48 44.08
N LYS A 483 -2.30 55.46 43.21
CA LYS A 483 -1.25 56.47 43.20
C LYS A 483 -1.74 57.81 42.67
N THR A 484 -2.83 57.81 41.89
CA THR A 484 -3.40 59.05 41.38
C THR A 484 -4.19 59.78 42.47
N VAL A 485 -4.97 59.05 43.27
CA VAL A 485 -5.71 59.69 44.35
C VAL A 485 -4.79 60.04 45.52
N LYS A 486 -3.58 59.48 45.58
CA LYS A 486 -2.64 59.81 46.64
C LYS A 486 -2.01 61.18 46.41
N VAL A 487 -1.70 61.52 45.15
CA VAL A 487 -1.12 62.83 44.83
C VAL A 487 -2.24 63.80 44.47
N TYR A 488 -1.86 64.96 43.92
CA TYR A 488 -2.82 65.99 43.52
C TYR A 488 -3.79 66.32 44.66
N ALA A 498 -16.82 63.81 46.32
CA ALA A 498 -16.76 64.44 45.02
C ALA A 498 -17.16 63.44 43.93
N ALA A 499 -17.85 63.93 42.90
CA ALA A 499 -18.33 63.04 41.84
C ALA A 499 -17.17 62.39 41.09
N GLU A 500 -16.07 63.12 40.90
CA GLU A 500 -14.93 62.58 40.17
C GLU A 500 -14.13 61.58 41.01
N LEU A 501 -14.12 61.73 42.33
CA LEU A 501 -13.58 60.68 43.19
C LEU A 501 -14.46 59.42 43.12
N GLY A 502 -15.77 59.60 42.99
CA GLY A 502 -16.66 58.46 42.78
C GLY A 502 -16.52 57.82 41.42
N GLU A 503 -16.01 58.57 40.43
CA GLU A 503 -15.70 57.98 39.13
C GLU A 503 -14.41 57.17 39.20
N ILE A 504 -13.44 57.63 40.00
CA ILE A 504 -12.17 56.91 40.16
C ILE A 504 -12.43 55.51 40.73
N SER A 505 -13.16 55.45 41.84
CA SER A 505 -13.46 54.15 42.46
C SER A 505 -14.25 53.25 41.53
N ASP A 506 -14.98 53.80 40.57
CA ASP A 506 -15.72 52.97 39.62
C ASP A 506 -14.76 52.35 38.59
N ILE A 507 -13.81 53.13 38.09
CA ILE A 507 -12.73 52.56 37.29
C ILE A 507 -11.93 51.57 38.11
N HIS A 508 -11.70 51.90 39.38
CA HIS A 508 -10.89 51.05 40.25
C HIS A 508 -11.55 49.69 40.46
N THR A 509 -12.85 49.66 40.76
CA THR A 509 -13.52 48.40 41.06
C THR A 509 -13.62 47.53 39.80
N LYS A 510 -14.04 48.12 38.68
CA LYS A 510 -14.13 47.36 37.44
C LYS A 510 -12.75 46.99 36.91
N LEU A 511 -11.71 47.76 37.25
CA LEU A 511 -10.34 47.35 36.95
C LEU A 511 -9.88 46.22 37.87
N LEU A 512 -10.47 46.12 39.06
CA LEU A 512 -10.27 44.96 39.91
C LEU A 512 -11.24 43.83 39.59
N ARG A 513 -12.33 44.13 38.86
CA ARG A 513 -13.21 43.08 38.36
C ARG A 513 -12.58 42.30 37.21
N LEU A 514 -11.64 42.91 36.49
CA LEU A 514 -10.83 42.15 35.55
C LEU A 514 -9.97 41.12 36.30
N SER A 515 -9.38 41.53 37.42
CA SER A 515 -8.55 40.61 38.19
C SER A 515 -9.35 39.49 38.85
N SER A 516 -10.68 39.64 38.94
CA SER A 516 -11.49 38.59 39.55
C SER A 516 -11.60 37.39 38.61
N SER A 517 -11.90 37.62 37.33
CA SER A 517 -11.85 36.56 36.35
C SER A 517 -10.41 36.17 36.01
N GLN A 518 -9.45 37.06 36.29
CA GLN A 518 -8.04 36.72 36.12
C GLN A 518 -7.56 35.76 37.19
N GLY A 519 -8.06 35.90 38.41
CA GLY A 519 -7.69 34.97 39.47
C GLY A 519 -8.20 33.56 39.20
N THR A 520 -9.41 33.45 38.65
CA THR A 520 -9.95 32.12 38.33
C THR A 520 -9.19 31.50 37.16
N ILE A 521 -8.84 32.30 36.16
CA ILE A 521 -8.20 31.78 34.96
C ILE A 521 -6.80 31.24 35.30
N GLU A 522 -6.06 31.94 36.16
CA GLU A 522 -4.74 31.47 36.55
C GLU A 522 -4.82 30.13 37.28
N THR A 523 -5.87 29.93 38.08
CA THR A 523 -5.96 28.74 38.92
C THR A 523 -6.49 27.53 38.16
N SER A 524 -7.53 27.73 37.33
CA SER A 524 -8.03 26.65 36.50
C SER A 524 -7.06 26.29 35.37
N LEU A 525 -6.05 27.14 35.13
CA LEU A 525 -4.95 26.75 34.25
C LEU A 525 -4.06 25.71 34.92
N GLN A 526 -3.86 25.84 36.24
CA GLN A 526 -3.04 24.89 37.00
C GLN A 526 -3.70 23.52 37.13
N ASP A 527 -4.98 23.42 36.78
CA ASP A 527 -5.62 22.11 36.65
C ASP A 527 -5.11 21.39 35.40
N ILE A 528 -4.92 22.14 34.31
CA ILE A 528 -4.30 21.59 33.10
C ILE A 528 -2.83 21.26 33.36
N ASP A 529 -2.16 22.01 34.25
CA ASP A 529 -0.79 21.70 34.62
C ASP A 529 -0.68 20.28 35.19
N SER A 530 -1.64 19.89 36.04
CA SER A 530 -1.61 18.56 36.63
C SER A 530 -1.89 17.48 35.58
N ARG A 531 -2.96 17.66 34.80
CA ARG A 531 -3.30 16.68 33.77
C ARG A 531 -2.13 16.45 32.83
N LEU A 532 -1.46 17.52 32.41
CA LEU A 532 -0.35 17.39 31.48
C LEU A 532 0.92 16.86 32.15
N SER A 533 1.17 17.27 33.39
CA SER A 533 2.44 16.92 34.02
C SER A 533 2.45 15.45 34.44
N PRO A 534 3.62 14.79 34.38
CA PRO A 534 3.70 13.35 34.67
C PRO A 534 2.88 12.87 35.85
N GLY A 535 2.20 11.73 35.65
CA GLY A 535 1.30 11.18 36.63
C GLY A 535 -0.11 11.67 36.53
N GLY A 536 -0.37 12.66 35.67
CA GLY A 536 -1.67 13.29 35.59
C GLY A 536 -2.65 12.50 34.74
N SER A 537 -3.74 13.20 34.39
CA SER A 537 -4.84 12.58 33.67
C SER A 537 -4.55 12.37 32.19
N LEU A 538 -3.60 13.11 31.61
CA LEU A 538 -3.27 12.96 30.20
C LEU A 538 -1.88 12.36 30.01
N ALA A 539 -1.48 11.45 30.90
CA ALA A 539 -0.20 10.78 30.79
C ALA A 539 -0.23 9.79 29.63
N ASP A 540 0.87 9.74 28.88
CA ASP A 540 1.06 8.71 27.87
C ASP A 540 1.64 7.44 28.46
N ALA A 541 1.56 7.29 29.78
CA ALA A 541 2.16 6.16 30.46
C ALA A 541 1.69 4.85 29.85
N TRP A 542 0.43 4.81 29.42
CA TRP A 542 -0.18 3.59 28.91
C TRP A 542 0.41 3.17 27.57
N ALA A 543 0.66 4.14 26.67
CA ALA A 543 1.23 3.81 25.37
C ALA A 543 2.38 2.83 25.53
N HIS A 544 3.21 3.05 26.55
CA HIS A 544 4.40 2.26 26.80
C HIS A 544 4.13 0.93 27.46
N GLN A 545 2.98 0.75 28.11
CA GLN A 545 2.73 -0.48 28.85
C GLN A 545 1.38 -1.12 28.56
N GLU A 546 0.82 -0.93 27.37
CA GLU A 546 -0.40 -1.67 27.06
C GLU A 546 -0.30 -2.52 25.79
N GLY A 547 0.40 -2.06 24.76
CA GLY A 547 0.46 -2.77 23.49
C GLY A 547 1.69 -3.64 23.35
N THR A 548 1.96 -4.05 22.10
CA THR A 548 3.13 -4.83 21.74
C THR A 548 4.22 -3.91 21.18
N HIS A 549 5.47 -4.35 21.29
CA HIS A 549 6.62 -3.51 20.99
C HIS A 549 7.63 -4.22 20.11
N PRO A 550 8.55 -3.46 19.50
CA PRO A 550 9.62 -4.09 18.71
C PRO A 550 10.54 -4.97 19.55
N LYS A 551 10.61 -4.74 20.86
CA LYS A 551 11.35 -5.62 21.75
C LYS A 551 10.63 -6.94 21.94
N ASP A 552 9.30 -6.94 21.85
CA ASP A 552 8.54 -8.18 21.94
C ASP A 552 8.94 -9.15 20.83
N ARG A 553 9.43 -8.63 19.71
CA ARG A 553 9.93 -9.46 18.61
C ARG A 553 8.86 -10.45 18.13
N ASN A 554 7.61 -9.99 18.08
CA ASN A 554 6.53 -10.87 17.66
C ASN A 554 6.47 -11.03 16.16
N VAL A 555 6.90 -10.04 15.37
CA VAL A 555 6.93 -10.23 13.93
C VAL A 555 8.12 -11.08 13.53
N GLU A 556 9.25 -10.90 14.23
CA GLU A 556 10.40 -11.79 14.05
C GLU A 556 10.06 -13.21 14.46
N LYS A 557 9.36 -13.37 15.59
CA LYS A 557 8.94 -14.68 16.06
C LYS A 557 8.15 -15.43 15.00
N LEU A 558 7.19 -14.76 14.37
CA LEU A 558 6.34 -15.42 13.38
C LEU A 558 7.15 -15.85 12.17
N GLN A 559 7.95 -14.93 11.62
CA GLN A 559 8.72 -15.22 10.41
C GLN A 559 9.57 -16.47 10.56
N VAL A 560 10.02 -16.76 11.78
CA VAL A 560 10.73 -18.01 12.03
C VAL A 560 9.88 -19.19 11.59
N LEU A 561 8.67 -19.30 12.14
CA LEU A 561 7.77 -20.37 11.75
C LEU A 561 7.38 -20.26 10.27
N LEU A 562 7.30 -19.04 9.76
CA LEU A 562 6.96 -18.83 8.36
C LEU A 562 7.99 -19.47 7.45
N ASN A 563 9.27 -19.37 7.80
CA ASN A 563 10.32 -19.97 6.99
C ASN A 563 10.24 -21.49 7.02
N CYS A 564 10.00 -22.07 8.20
CA CYS A 564 9.75 -23.49 8.29
C CYS A 564 8.65 -23.92 7.32
N MET A 565 7.53 -23.20 7.33
CA MET A 565 6.42 -23.54 6.46
C MET A 565 6.76 -23.35 4.99
N THR A 566 7.50 -22.29 4.67
CA THR A 566 7.73 -21.97 3.26
C THR A 566 8.73 -22.95 2.64
N GLU A 567 9.74 -23.37 3.40
CA GLU A 567 10.68 -24.36 2.89
C GLU A 567 9.95 -25.67 2.59
N ILE A 568 9.00 -26.05 3.45
CA ILE A 568 8.17 -27.22 3.17
C ILE A 568 7.38 -27.01 1.88
N TYR A 569 6.83 -25.81 1.69
CA TYR A 569 6.02 -25.55 0.49
C TYR A 569 6.82 -25.79 -0.77
N TYR A 570 8.07 -25.32 -0.82
CA TYR A 570 8.86 -25.46 -2.02
C TYR A 570 9.26 -26.92 -2.24
N GLN A 571 9.54 -27.65 -1.16
CA GLN A 571 9.77 -29.09 -1.29
C GLN A 571 8.51 -29.79 -1.78
N PHE A 572 7.33 -29.39 -1.27
CA PHE A 572 6.09 -29.98 -1.77
C PHE A 572 5.82 -29.57 -3.21
N LYS A 573 6.30 -28.39 -3.59
CA LYS A 573 6.26 -27.98 -4.99
C LYS A 573 7.18 -28.87 -5.82
N LYS A 574 8.39 -29.15 -5.33
CA LYS A 574 9.31 -30.04 -6.03
C LYS A 574 8.75 -31.47 -6.07
N ASP A 575 8.15 -31.93 -4.97
CA ASP A 575 7.59 -33.28 -4.94
C ASP A 575 6.43 -33.42 -5.92
N LYS A 576 5.71 -32.33 -6.17
CA LYS A 576 4.69 -32.35 -7.20
C LYS A 576 5.30 -32.74 -8.55
N ALA A 577 6.50 -32.23 -8.84
CA ALA A 577 7.13 -32.48 -10.13
C ALA A 577 7.59 -33.94 -10.26
N GLU A 578 8.06 -34.54 -9.16
CA GLU A 578 8.56 -35.92 -9.23
C GLU A 578 7.45 -36.92 -9.57
N ARG A 579 6.22 -36.64 -9.12
CA ARG A 579 5.02 -37.45 -9.32
C ARG A 579 5.02 -38.78 -8.55
N ARG A 580 6.13 -39.52 -8.49
CA ARG A 580 6.21 -40.68 -7.61
C ARG A 580 7.35 -40.50 -6.60
N LEU A 581 7.23 -41.19 -5.45
CA LEU A 581 8.12 -40.96 -4.31
C LEU A 581 8.49 -42.28 -3.63
N ALA A 582 9.73 -42.34 -3.11
CA ALA A 582 10.23 -43.51 -2.40
C ALA A 582 9.55 -43.65 -1.04
N TYR A 583 9.61 -44.84 -0.45
CA TYR A 583 8.94 -45.02 0.83
C TYR A 583 9.53 -44.09 1.87
N ASN A 584 10.86 -43.98 1.92
CA ASN A 584 11.46 -43.11 2.92
C ASN A 584 11.02 -41.67 2.71
N GLU A 585 11.08 -41.17 1.47
CA GLU A 585 10.58 -39.82 1.21
C GLU A 585 9.09 -39.72 1.50
N GLU A 586 8.32 -40.76 1.16
CA GLU A 586 6.88 -40.70 1.40
C GLU A 586 6.59 -40.38 2.87
N GLN A 587 7.27 -41.08 3.77
CA GLN A 587 7.07 -40.86 5.20
C GLN A 587 7.51 -39.46 5.60
N ILE A 588 8.58 -38.97 4.98
CA ILE A 588 9.06 -37.61 5.23
C ILE A 588 7.93 -36.62 4.96
N HIS A 589 7.46 -36.58 3.71
CA HIS A 589 6.41 -35.67 3.28
C HIS A 589 5.13 -35.87 4.06
N LYS A 590 4.97 -36.99 4.75
CA LYS A 590 3.86 -37.17 5.68
C LYS A 590 4.15 -36.62 7.07
N PHE A 591 5.41 -36.65 7.52
CA PHE A 591 5.75 -35.97 8.77
C PHE A 591 5.77 -34.46 8.57
N ASP A 592 6.39 -34.01 7.47
CA ASP A 592 6.57 -32.58 7.24
C ASP A 592 5.24 -31.88 7.03
N LYS A 593 4.29 -32.53 6.34
CA LYS A 593 2.97 -31.94 6.17
C LYS A 593 2.27 -31.77 7.52
N GLN A 594 2.39 -32.76 8.39
CA GLN A 594 1.82 -32.67 9.73
C GLN A 594 2.46 -31.53 10.52
N LYS A 595 3.77 -31.30 10.33
CA LYS A 595 4.44 -30.19 10.98
C LYS A 595 4.06 -28.85 10.36
N LEU A 596 3.69 -28.85 9.08
CA LEU A 596 3.24 -27.62 8.43
C LEU A 596 1.95 -27.09 9.04
N TYR A 597 1.14 -27.97 9.62
CA TYR A 597 -0.04 -27.51 10.34
C TYR A 597 0.34 -27.01 11.73
N TYR A 598 1.21 -27.73 12.42
CA TYR A 598 1.59 -27.34 13.78
C TYR A 598 2.26 -25.98 13.80
N HIS A 599 3.18 -25.73 12.87
CA HIS A 599 3.72 -24.39 12.71
C HIS A 599 2.60 -23.38 12.49
N ALA A 600 1.70 -23.68 11.54
CA ALA A 600 0.66 -22.74 11.18
C ALA A 600 -0.23 -22.40 12.38
N THR A 601 -0.73 -23.42 13.08
CA THR A 601 -1.57 -23.15 14.24
C THR A 601 -0.76 -22.57 15.39
N LYS A 602 0.52 -22.95 15.53
CA LYS A 602 1.36 -22.33 16.56
C LYS A 602 1.50 -20.84 16.30
N ALA A 603 1.83 -20.47 15.06
CA ALA A 603 1.94 -19.06 14.72
C ALA A 603 0.61 -18.35 14.83
N MET A 604 -0.49 -19.03 14.51
CA MET A 604 -1.80 -18.39 14.51
C MET A 604 -2.24 -18.04 15.92
N THR A 605 -2.14 -19.00 16.84
CA THR A 605 -2.45 -18.69 18.24
C THR A 605 -1.67 -17.46 18.68
N HIS A 606 -0.38 -17.37 18.31
CA HIS A 606 0.41 -16.24 18.74
C HIS A 606 -0.06 -14.95 18.10
N PHE A 607 -0.50 -15.01 16.84
CA PHE A 607 -0.98 -13.80 16.18
C PHE A 607 -2.20 -13.23 16.91
N THR A 608 -3.22 -14.06 17.15
CA THR A 608 -4.45 -13.56 17.74
C THR A 608 -4.29 -13.38 19.25
N ASP A 609 -3.96 -14.44 19.96
CA ASP A 609 -3.92 -14.39 21.42
C ASP A 609 -2.79 -13.53 21.97
N GLU A 610 -1.92 -12.95 21.14
CA GLU A 610 -0.88 -12.06 21.64
C GLU A 610 -0.83 -10.76 20.86
N CYS A 611 -0.60 -10.84 19.54
CA CYS A 611 -0.46 -9.64 18.74
C CYS A 611 -1.78 -8.87 18.65
N VAL A 612 -2.83 -9.53 18.16
CA VAL A 612 -4.12 -8.87 17.98
C VAL A 612 -4.66 -8.37 19.31
N LYS A 613 -4.78 -9.28 20.29
CA LYS A 613 -5.40 -8.92 21.56
C LYS A 613 -4.74 -7.69 22.17
N LYS A 614 -3.41 -7.70 22.28
CA LYS A 614 -2.71 -6.57 22.88
C LYS A 614 -2.73 -5.33 22.02
N TYR A 615 -2.99 -5.48 20.71
CA TYR A 615 -3.27 -4.32 19.88
C TYR A 615 -4.65 -3.76 20.18
N GLU A 616 -5.62 -4.65 20.36
CA GLU A 616 -6.98 -4.21 20.69
C GLU A 616 -6.98 -3.48 22.03
N ALA A 617 -6.23 -4.00 22.99
CA ALA A 617 -6.11 -3.40 24.31
C ALA A 617 -5.51 -2.00 24.23
N PHE A 618 -4.46 -1.84 23.41
CA PHE A 618 -3.86 -0.52 23.21
C PHE A 618 -4.81 0.40 22.46
N LEU A 619 -5.55 -0.14 21.49
CA LEU A 619 -6.48 0.67 20.71
C LEU A 619 -7.60 1.20 21.58
N ASN A 620 -8.19 0.33 22.40
CA ASN A 620 -9.30 0.73 23.25
C ASN A 620 -8.85 1.80 24.23
N LYS A 621 -7.67 1.63 24.82
CA LYS A 621 -7.13 2.61 25.74
C LYS A 621 -6.83 3.93 25.03
N SER A 622 -6.42 3.86 23.76
CA SER A 622 -6.19 5.06 22.98
C SER A 622 -7.47 5.86 22.82
N GLU A 623 -8.61 5.17 22.62
CA GLU A 623 -9.89 5.85 22.47
C GLU A 623 -10.14 6.81 23.60
N GLU A 624 -9.79 6.41 24.83
CA GLU A 624 -10.08 7.23 26.00
C GLU A 624 -9.17 8.45 26.06
N TRP A 625 -7.89 8.27 25.76
CA TRP A 625 -6.96 9.40 25.78
C TRP A 625 -7.33 10.45 24.76
N ILE A 626 -7.87 10.05 23.61
CA ILE A 626 -8.27 11.02 22.61
C ILE A 626 -9.49 11.81 23.08
N ARG A 627 -10.50 11.11 23.62
CA ARG A 627 -11.64 11.84 24.17
C ARG A 627 -11.20 12.73 25.32
N LYS A 628 -10.29 12.23 26.17
CA LYS A 628 -9.79 13.03 27.28
C LYS A 628 -8.92 14.19 26.80
N MET A 629 -8.09 13.96 25.78
CA MET A 629 -7.21 15.03 25.31
C MET A 629 -7.99 16.09 24.54
N LEU A 630 -8.99 15.68 23.77
CA LEU A 630 -9.77 16.65 23.01
C LEU A 630 -10.44 17.66 23.95
N HIS A 631 -10.99 17.15 25.07
CA HIS A 631 -11.55 18.03 26.10
C HIS A 631 -10.56 19.10 26.51
N LEU A 632 -9.35 18.69 26.91
CA LEU A 632 -8.31 19.65 27.27
C LEU A 632 -8.07 20.67 26.17
N ARG A 633 -8.12 20.24 24.91
CA ARG A 633 -7.79 21.14 23.81
C ARG A 633 -8.90 22.15 23.53
N LYS A 634 -10.12 21.91 24.03
CA LYS A 634 -11.15 22.94 24.00
C LYS A 634 -11.19 23.76 25.28
N GLN A 635 -10.71 23.21 26.41
CA GLN A 635 -10.62 23.99 27.63
C GLN A 635 -9.47 24.98 27.56
N LEU A 636 -8.26 24.48 27.28
CA LEU A 636 -7.09 25.36 27.19
C LEU A 636 -7.29 26.48 26.18
N LEU A 637 -8.05 26.23 25.11
CA LEU A 637 -8.29 27.29 24.14
C LEU A 637 -9.16 28.39 24.75
N SER A 638 -10.30 28.01 25.34
CA SER A 638 -11.16 29.01 25.96
C SER A 638 -10.36 29.91 26.89
N LEU A 639 -9.67 29.30 27.86
CA LEU A 639 -8.77 30.00 28.75
C LEU A 639 -7.92 31.03 28.01
N THR A 640 -7.43 30.65 26.83
CA THR A 640 -6.59 31.55 26.03
C THR A 640 -7.45 32.58 25.30
N ASN A 641 -8.53 32.13 24.67
CA ASN A 641 -9.47 33.02 24.01
C ASN A 641 -10.18 33.92 25.02
N GLN A 642 -9.85 33.78 26.30
CA GLN A 642 -10.28 34.68 27.36
C GLN A 642 -9.19 35.63 27.80
N CYS A 643 -7.96 35.13 27.94
CA CYS A 643 -6.82 36.03 28.16
C CYS A 643 -6.73 37.07 27.06
N PHE A 644 -7.09 36.71 25.83
CA PHE A 644 -7.12 37.68 24.74
C PHE A 644 -8.12 38.79 25.02
N ASP A 645 -9.17 38.50 25.80
CA ASP A 645 -10.24 39.45 26.05
C ASP A 645 -9.95 40.38 27.21
N ILE A 646 -9.38 39.87 28.30
CA ILE A 646 -8.90 40.76 29.36
C ILE A 646 -7.52 41.31 29.03
N GLU A 647 -6.94 40.92 27.90
CA GLU A 647 -5.81 41.64 27.35
C GLU A 647 -6.29 42.87 26.58
N GLU A 648 -7.42 42.74 25.89
CA GLU A 648 -8.02 43.89 25.23
C GLU A 648 -8.46 44.93 26.27
N GLU A 649 -9.11 44.48 27.34
CA GLU A 649 -9.74 45.40 28.28
C GLU A 649 -8.75 46.13 29.17
N VAL A 650 -7.48 45.70 29.24
CA VAL A 650 -6.48 46.45 30.00
C VAL A 650 -5.84 47.55 29.15
N SER A 651 -5.46 47.23 27.92
CA SER A 651 -4.92 48.26 27.04
C SER A 651 -5.96 49.34 26.77
N LYS A 652 -7.25 48.98 26.79
CA LYS A 652 -8.30 49.95 26.54
C LYS A 652 -8.52 50.87 27.73
N TYR A 653 -8.34 50.37 28.95
CA TYR A 653 -8.61 51.16 30.15
C TYR A 653 -7.36 51.61 30.88
N GLN A 654 -6.17 51.24 30.42
CA GLN A 654 -4.97 51.99 30.76
C GLN A 654 -4.88 53.17 29.79
N GLU A 655 -6.06 53.59 29.28
CA GLU A 655 -6.17 54.73 28.37
C GLU A 655 -7.38 55.60 28.71
N TYR A 656 -7.92 55.51 29.93
CA TYR A 656 -9.13 56.27 30.27
C TYR A 656 -8.77 57.61 30.91
N THR A 657 -8.33 57.59 32.16
CA THR A 657 -7.87 58.80 32.82
C THR A 657 -6.43 59.13 32.44
N ASN A 658 -5.67 58.14 31.98
CA ASN A 658 -4.34 58.41 31.45
C ASN A 658 -4.39 59.17 30.14
N GLU A 659 -5.59 59.42 29.61
CA GLU A 659 -5.71 60.00 28.28
C GLU A 659 -6.65 61.21 28.24
N LEU A 660 -6.81 61.92 29.37
CA LEU A 660 -7.70 63.07 29.52
C LEU A 660 -7.07 64.33 28.95
N GLN A 661 -7.70 65.52 29.07
CA GLN A 661 -7.01 66.70 28.53
C GLN A 661 -7.34 68.00 29.27
N GLU A 662 -6.48 69.01 29.04
CA GLU A 662 -6.63 70.38 29.53
C GLU A 662 -5.57 71.25 28.84
N THR A 663 -5.76 72.58 28.90
CA THR A 663 -4.87 73.52 28.22
C THR A 663 -3.40 73.15 28.39
C4 KHQ B . 12.63 -19.92 -14.06
C14 KHQ B . 17.52 -25.54 -14.97
C5 KHQ B . 13.82 -19.26 -13.84
C6 KHQ B . 14.60 -19.40 -12.54
C11 KHQ B . 17.63 -23.09 -14.27
C8 KHQ B . 16.63 -20.08 -13.72
C9 KHQ B . 17.95 -20.82 -13.40
C13 KHQ B . 16.92 -24.43 -14.12
N2 KHQ B . 12.47 -18.99 -16.22
C3 KHQ B . 11.96 -19.76 -15.27
C1 KHQ B . 13.61 -18.33 -16.01
C18 KHQ B . 16.72 -22.43 -12.09
C19 KHQ B . 16.27 -21.05 -11.55
C20 KHQ B . 13.64 -19.79 -11.42
C21 KHQ B . 14.32 -18.45 -14.84
C23 KHQ B . 13.66 -17.32 -18.08
C25 KHQ B . 13.59 -16.49 -20.01
C26 KHQ B . 12.54 -17.38 -19.86
C27 KHQ B . 11.65 -17.57 -20.90
C28 KHQ B . 11.85 -16.86 -22.08
C29 KHQ B . 12.90 -15.96 -22.22
C30 KHQ B . 13.79 -15.78 -21.18
C31 KHQ B . 11.00 -17.04 -23.13
C32 KHQ B . 9.98 -17.89 -23.21
C34 KHQ B . 8.34 -18.45 -25.04
C35 KHQ B . 8.15 -19.88 -24.50
C36 KHQ B . 7.76 -19.99 -23.01
C37 KHQ B . 6.74 -20.33 -24.11
C39 KHQ B . 11.08 -16.40 -24.29
F15 KHQ B . 18.76 -25.80 -14.59
F16 KHQ B . 17.62 -25.05 -16.21
F17 KHQ B . 16.73 -26.60 -14.96
N10 KHQ B . 17.51 -22.18 -13.31
N22 KHQ B . 14.17 -17.55 -16.90
N24 KHQ B . 14.30 -16.50 -18.91
N33 KHQ B . 9.47 -17.72 -24.43
N38 KHQ B . 10.10 -16.87 -25.06
N40 KHQ B . 12.62 -17.91 -18.65
N7 KHQ B . 15.60 -20.48 -12.71
O12 KHQ B . 18.21 -22.80 -15.31
#